data_6A69
#
_entry.id   6A69
#
_cell.length_a   1.0
_cell.length_b   1.0
_cell.length_c   1.0
_cell.angle_alpha   90.00
_cell.angle_beta   90.00
_cell.angle_gamma   90.00
#
_symmetry.space_group_name_H-M   'P 1'
#
loop_
_entity.id
_entity.type
_entity.pdbx_description
1 polymer 'Plasma membrane calcium-transporting ATPase 1'
2 polymer Neuroplastin
3 non-polymer 2-acetamido-2-deoxy-beta-D-glucopyranose
#
loop_
_entity_poly.entity_id
_entity_poly.type
_entity_poly.pdbx_seq_one_letter_code
_entity_poly.pdbx_strand_id
1 'polypeptide(L)'
;MGDMANNSVAYSGVKNSLKEANHDGDFGITLAELRALMELRSTDALRKIQESYGDVYGICTKLKTSPNEGLSGNPADLER
REAVFGKNFIPPKKPKTFLQLVWEALQDVTLIILEIAAIVSLGLSFYQPPEGDNALCGEVSVGEEEGEGETGWIEGAAIL
LSVVCVVLVTAFNDWSKEKQFRGLQSRIEQEQKFTVIRGGQVIQIPVADITVGDIAQVKYGDLLPADGILIQGNDLKIDE
SSLTGESDHVKKSLDKDPLLLSGTHVMEGSGRMVVTAVGVNSQTGIIFTLLGAGGEEEEKKDEKKKEKKNKKQDGAIENR
NKAKAQDGAAMEMQPLKSEEGGDGDEKDKKKANLPKKEKSVLQGKLTKLAVQIGKAGLLMSAITVIILVLYFVIDTFWVQ
KRPWLAECTPIYIQYFVKFFIIGVTVLVVAVPEGLPLAVTISLAYSVKKMMKDNNLVRHLDACETMGNATAICSDKTGTL
TMNRMTVVQAYINEKHYKKVPEPEAIPPNILSYLVTGISVNCAYTSKILPPEKEGGLPRHVGNKTECALLGLLLDLKRDY
QDVRNEIPEEALYKVYTFNSVRKSMSTVLKNSDGSYRIFSKGASEIILKKCFKILSANGEAKVFRPRDRDDIVKTVIEPM
ASEGLRTICLAFRDFPAGEPEPEWDNENDIVTGLTCIAVVGIEDPVRPEVPDAIKKCQRAGITVRMVTGDNINTARAIAT
KCGILHPGEDFLCLEGKDFNRRIRNEKGEIEQERIDKIWPKLRVLARSSPTDKHTLVKGIIDSTVSDQRQVVAVTGDGTN
DGPALKKADVGFAMGIAGTDVAKEASDIILTDDNFTSIVKAVMWGRNVYDSISKFLQFQLTVNVVAVIVAFTGACITQDS
PLKAVQMLWVNLIMDTLASLALATEPPTESLLLRKPYGRNKPLISRTMMKNILGHAFYQLVVVFTLLFAGEKFFDIDSGR
NAPLHAPPSEHYTIVFNTFVLMQLFNEINARKIHGERNVFEGIFNNAIFCTIVLGTFVVQIIIVQFGGKPFSCSELSIEQ
WLWSIFLGMGTLLWGQLISTIPTSRLKFLKEAGHGTQKEEIPEEELAEDVEEIDHAERELRRGQILWFRGLNRIQTQMDV
VNAFQSGSSIQGALRRQPSIASQHHDVTNISTPTHIRVVNAFRSSLYEGLEKPESRSSIHNFMTHPEFRIEDSEPHIPLI
DDTDAEDDAPTKRNSSPPPSPNKNNNAVDSGIHLTIEMNKSATSSSPGSPLHSLETSLHHHHHHLEDYKDDDDK
;
A
2 'polypeptide(L)'
;MSGSSLPSALALSLLLVSGSLLPGPGAAQNEPRIVTSEEVIIRDSPVLPVTLQCNLTSSSHTLTYSYWTKNGVELSATRK
NASNMEYRINKPRAEDSGEYHCVYHFVSAPKANATIEVKAAPDITGHKRSENKNEGQDATMYCKSVGYPHPDWIWRKKEN
GMPMDIVNTSGRFFIINKENYTELNIVNLQITEDPGEYECNATNAIGSASVVTVLRVRSHLAPLWPFLGILAEIIILVVI
IVVYEKRKRPDEVPDDDEPAGPMKTNSTNNHKDKNLRQRNTN
;
B
#
loop_
_chem_comp.id
_chem_comp.type
_chem_comp.name
_chem_comp.formula
NAG D-saccharide, beta linking 2-acetamido-2-deoxy-beta-D-glucopyranose 'C8 H15 N O6'
#
# COMPACT_ATOMS: atom_id res chain seq x y z
N GLY A 2 -43.04 14.21 18.78
CA GLY A 2 -43.93 13.69 17.76
C GLY A 2 -44.95 14.72 17.32
N ASP A 3 -44.48 15.93 17.00
CA ASP A 3 -45.38 16.99 16.53
C ASP A 3 -44.59 17.95 15.66
N MET A 4 -44.75 17.83 14.35
CA MET A 4 -44.10 18.72 13.40
C MET A 4 -44.99 18.77 12.15
N ALA A 5 -44.51 19.44 11.10
CA ALA A 5 -45.25 19.56 9.85
C ALA A 5 -44.66 18.57 8.85
N ASN A 6 -45.11 17.32 8.94
CA ASN A 6 -44.64 16.25 8.06
C ASN A 6 -45.82 15.67 7.29
N ASN A 7 -46.71 16.56 6.83
CA ASN A 7 -47.95 16.19 6.15
C ASN A 7 -47.71 15.49 4.83
N SER A 8 -46.63 15.81 4.14
CA SER A 8 -46.01 14.87 3.21
C SER A 8 -44.79 14.35 3.94
N VAL A 9 -44.78 13.07 4.23
CA VAL A 9 -43.83 12.51 5.18
C VAL A 9 -42.52 12.07 4.54
N ALA A 10 -42.45 12.02 3.21
CA ALA A 10 -41.22 11.70 2.50
C ALA A 10 -40.99 12.59 1.29
N TYR A 11 -41.99 13.36 0.88
CA TYR A 11 -41.88 14.30 -0.23
C TYR A 11 -42.38 15.65 0.23
N SER A 12 -41.82 16.12 1.36
CA SER A 12 -42.39 17.16 2.20
C SER A 12 -42.62 18.46 1.43
N GLY A 13 -41.67 18.86 0.60
CA GLY A 13 -41.93 19.82 -0.45
C GLY A 13 -41.20 19.48 -1.73
N VAL A 14 -40.38 18.42 -1.71
CA VAL A 14 -39.38 18.17 -2.75
C VAL A 14 -39.95 17.18 -3.76
N LYS A 15 -40.72 17.69 -4.72
CA LYS A 15 -41.24 16.82 -5.75
C LYS A 15 -40.61 17.13 -7.10
N ASN A 16 -40.79 18.35 -7.60
CA ASN A 16 -40.33 18.72 -8.93
C ASN A 16 -40.30 20.23 -9.10
N SER A 17 -39.48 20.66 -10.04
CA SER A 17 -39.31 22.04 -10.46
C SER A 17 -40.00 22.24 -11.80
N LEU A 18 -40.55 23.44 -12.05
CA LEU A 18 -40.51 24.63 -11.21
C LEU A 18 -41.91 25.18 -10.97
N LYS A 19 -42.90 24.29 -10.99
CA LYS A 19 -44.28 24.69 -10.75
C LYS A 19 -44.65 24.45 -9.29
N GLU A 20 -43.64 24.25 -8.43
CA GLU A 20 -43.86 24.04 -7.01
C GLU A 20 -43.80 25.33 -6.20
N ALA A 21 -43.12 26.36 -6.70
CA ALA A 21 -42.98 27.61 -5.99
C ALA A 21 -44.23 28.47 -6.03
N ASN A 22 -45.21 28.11 -6.86
CA ASN A 22 -46.50 28.78 -6.86
C ASN A 22 -47.35 28.36 -5.68
N HIS A 23 -47.13 27.15 -5.15
CA HIS A 23 -47.88 26.64 -4.01
C HIS A 23 -46.93 25.78 -3.18
N ASP A 24 -46.38 26.36 -2.12
CA ASP A 24 -45.50 25.64 -1.20
C ASP A 24 -46.12 25.72 0.18
N GLY A 25 -47.06 24.82 0.46
CA GLY A 25 -47.84 24.75 1.71
C GLY A 25 -48.48 26.11 2.02
N ASP A 26 -49.31 26.54 1.07
CA ASP A 26 -49.87 27.89 0.90
C ASP A 26 -48.79 28.95 0.67
N PHE A 27 -47.63 28.56 0.14
CA PHE A 27 -46.59 29.45 -0.40
C PHE A 27 -46.03 30.48 0.57
N GLY A 28 -45.38 30.03 1.64
CA GLY A 28 -44.70 30.93 2.56
C GLY A 28 -43.52 30.21 3.20
N ILE A 29 -42.30 30.61 2.81
CA ILE A 29 -41.10 29.81 3.05
C ILE A 29 -40.66 29.82 4.51
N THR A 30 -40.67 30.99 5.14
CA THR A 30 -40.28 31.07 6.54
C THR A 30 -41.37 30.51 7.44
N LEU A 31 -42.62 30.51 6.96
CA LEU A 31 -43.72 29.93 7.72
C LEU A 31 -43.58 28.41 7.79
N ALA A 32 -43.18 27.80 6.67
CA ALA A 32 -42.89 26.37 6.66
C ALA A 32 -41.66 26.07 7.51
N GLU A 33 -40.73 27.03 7.60
CA GLU A 33 -39.56 26.87 8.44
C GLU A 33 -39.95 26.85 9.91
N LEU A 34 -40.78 27.81 10.33
CA LEU A 34 -41.21 27.87 11.72
C LEU A 34 -42.15 26.72 12.06
N ARG A 35 -42.89 26.21 11.07
CA ARG A 35 -43.67 25.00 11.29
C ARG A 35 -42.78 23.76 11.28
N ALA A 36 -41.56 23.89 10.75
CA ALA A 36 -40.61 22.79 10.77
C ALA A 36 -39.55 22.93 11.87
N LEU A 37 -39.18 24.14 12.24
CA LEU A 37 -38.18 24.32 13.29
C LEU A 37 -38.83 24.25 14.66
N PRO A 67 -36.59 30.30 12.11
CA PRO A 67 -35.56 30.24 11.09
C PRO A 67 -34.31 30.96 11.56
N ASN A 68 -33.98 32.06 10.88
CA ASN A 68 -32.75 32.80 11.16
C ASN A 68 -32.96 33.66 12.41
N GLU A 69 -32.15 33.45 13.45
CA GLU A 69 -31.06 32.47 13.48
C GLU A 69 -30.98 31.79 14.84
N GLY A 70 -31.17 30.48 14.86
CA GLY A 70 -31.12 29.71 16.11
C GLY A 70 -30.65 28.30 15.77
N LEU A 71 -30.26 27.52 16.79
CA LEU A 71 -29.77 26.18 16.54
C LEU A 71 -30.63 25.13 17.21
N SER A 72 -30.54 24.97 18.53
CA SER A 72 -31.03 23.90 19.37
C SER A 72 -30.49 24.21 20.76
N GLY A 73 -31.03 23.53 21.75
CA GLY A 73 -30.41 23.56 23.06
C GLY A 73 -30.15 22.15 23.53
N ASN A 74 -30.93 21.23 23.00
CA ASN A 74 -31.03 19.87 23.47
C ASN A 74 -30.35 18.95 22.48
N PRO A 75 -29.25 18.32 22.89
CA PRO A 75 -28.62 17.28 22.07
C PRO A 75 -29.37 15.95 22.03
N ALA A 76 -30.55 15.87 22.63
CA ALA A 76 -31.49 14.79 22.42
C ALA A 76 -32.62 15.17 21.47
N ASP A 77 -32.91 16.46 21.32
CA ASP A 77 -33.89 16.92 20.34
C ASP A 77 -33.47 16.58 18.92
N LEU A 78 -32.18 16.73 18.63
CA LEU A 78 -31.59 16.18 17.43
C LEU A 78 -31.80 14.68 17.32
N GLU A 79 -31.79 13.95 18.44
CA GLU A 79 -32.05 12.53 18.34
C GLU A 79 -33.53 12.22 18.19
N ARG A 80 -34.43 13.10 18.65
CA ARG A 80 -35.84 12.97 18.32
C ARG A 80 -36.10 13.08 16.82
N ARG A 81 -35.56 14.11 16.17
CA ARG A 81 -35.71 14.25 14.73
C ARG A 81 -34.80 13.30 13.96
N GLU A 82 -33.85 12.66 14.63
CA GLU A 82 -33.25 11.47 14.05
C GLU A 82 -34.26 10.34 14.01
N ALA A 83 -34.93 10.10 15.14
CA ALA A 83 -35.94 9.06 15.18
C ALA A 83 -37.16 9.43 14.36
N VAL A 84 -37.48 10.72 14.28
CA VAL A 84 -38.57 11.18 13.46
C VAL A 84 -37.97 12.00 12.32
N PHE A 85 -37.67 11.32 11.20
CA PHE A 85 -37.33 11.90 9.91
C PHE A 85 -36.09 12.78 9.90
N GLY A 86 -34.88 12.28 10.09
CA GLY A 86 -34.52 10.88 10.03
C GLY A 86 -33.02 10.88 10.29
N LYS A 87 -32.30 9.87 9.80
CA LYS A 87 -30.84 9.84 9.95
C LYS A 87 -30.17 9.90 8.58
N ASN A 88 -29.05 10.63 8.50
CA ASN A 88 -28.42 11.00 7.23
C ASN A 88 -27.52 9.92 6.63
N PHE A 89 -26.71 9.25 7.45
CA PHE A 89 -25.70 8.28 7.01
C PHE A 89 -26.33 7.11 6.27
N ILE A 90 -25.96 6.94 5.01
CA ILE A 90 -26.53 5.87 4.20
C ILE A 90 -25.52 4.76 4.00
N PRO A 91 -25.83 3.53 4.41
CA PRO A 91 -24.82 2.47 4.42
C PRO A 91 -24.89 1.61 3.17
N PRO A 92 -23.78 0.98 2.78
CA PRO A 92 -23.86 -0.12 1.81
C PRO A 92 -23.94 -1.47 2.52
N LYS A 93 -24.37 -2.52 1.82
CA LYS A 93 -24.44 -3.86 2.41
C LYS A 93 -23.02 -4.37 2.61
N LYS A 94 -22.57 -4.40 3.85
CA LYS A 94 -21.11 -4.35 4.02
C LYS A 94 -20.54 -5.32 5.04
N PRO A 95 -19.34 -5.87 4.79
CA PRO A 95 -18.88 -6.03 3.41
C PRO A 95 -19.18 -7.43 2.86
N LYS A 96 -19.01 -8.41 3.72
CA LYS A 96 -19.26 -9.83 3.49
C LYS A 96 -18.97 -10.50 4.83
N THR A 97 -19.69 -11.57 5.13
CA THR A 97 -19.47 -12.24 6.41
C THR A 97 -18.23 -13.10 6.29
N PHE A 98 -17.61 -13.42 7.43
CA PHE A 98 -16.45 -14.29 7.43
C PHE A 98 -16.79 -15.69 6.94
N LEU A 99 -17.96 -16.19 7.33
CA LEU A 99 -18.52 -17.42 6.82
C LEU A 99 -18.71 -17.38 5.32
N GLN A 100 -19.08 -16.24 4.75
CA GLN A 100 -19.15 -16.11 3.30
C GLN A 100 -17.80 -16.31 2.65
N LEU A 101 -16.73 -15.80 3.22
CA LEU A 101 -15.42 -15.98 2.59
C LEU A 101 -14.87 -17.39 2.78
N VAL A 102 -15.16 -18.02 3.91
CA VAL A 102 -14.85 -19.45 4.04
C VAL A 102 -15.59 -20.28 3.01
N TRP A 103 -16.87 -19.96 2.76
CA TRP A 103 -17.60 -20.63 1.70
C TRP A 103 -17.01 -20.35 0.33
N GLU A 104 -16.59 -19.11 0.10
CA GLU A 104 -16.02 -18.70 -1.16
C GLU A 104 -14.75 -19.43 -1.50
N ALA A 105 -13.85 -19.56 -0.55
CA ALA A 105 -12.55 -20.14 -0.86
C ALA A 105 -12.55 -21.66 -0.79
N LEU A 106 -13.66 -22.29 -0.42
CA LEU A 106 -13.80 -23.74 -0.55
C LEU A 106 -14.49 -24.16 -1.82
N GLN A 107 -14.25 -23.46 -2.91
CA GLN A 107 -14.87 -23.83 -4.17
C GLN A 107 -13.85 -23.83 -5.29
N ASP A 108 -12.57 -23.70 -4.95
CA ASP A 108 -11.52 -23.92 -5.93
C ASP A 108 -11.49 -25.40 -6.29
N VAL A 109 -11.39 -25.69 -7.58
CA VAL A 109 -11.55 -27.06 -8.03
C VAL A 109 -10.36 -27.93 -7.67
N THR A 110 -9.17 -27.33 -7.56
CA THR A 110 -8.01 -28.04 -7.05
C THR A 110 -8.20 -28.58 -5.65
N LEU A 111 -8.73 -27.75 -4.75
CA LEU A 111 -9.00 -28.16 -3.39
C LEU A 111 -10.06 -29.25 -3.29
N ILE A 112 -11.12 -29.17 -4.10
CA ILE A 112 -12.17 -30.18 -3.98
C ILE A 112 -11.71 -31.51 -4.60
N ILE A 113 -10.86 -31.49 -5.63
CA ILE A 113 -10.26 -32.73 -6.13
C ILE A 113 -9.33 -33.33 -5.11
N LEU A 114 -8.60 -32.48 -4.39
CA LEU A 114 -7.72 -32.97 -3.34
C LEU A 114 -8.50 -33.61 -2.20
N GLU A 115 -9.65 -33.04 -1.84
CA GLU A 115 -10.47 -33.65 -0.80
C GLU A 115 -11.02 -35.00 -1.24
N ILE A 116 -11.50 -35.08 -2.48
CA ILE A 116 -12.03 -36.33 -3.01
C ILE A 116 -10.98 -37.44 -3.03
N ALA A 117 -9.79 -37.13 -3.51
CA ALA A 117 -8.75 -38.15 -3.52
C ALA A 117 -8.23 -38.47 -2.13
N ALA A 118 -8.37 -37.55 -1.17
CA ALA A 118 -8.04 -37.91 0.20
C ALA A 118 -9.03 -38.91 0.78
N ILE A 119 -10.31 -38.69 0.50
CA ILE A 119 -11.34 -39.63 0.96
C ILE A 119 -11.12 -41.00 0.34
N VAL A 120 -10.80 -41.04 -0.95
CA VAL A 120 -10.48 -42.32 -1.59
C VAL A 120 -9.21 -42.95 -1.04
N SER A 121 -8.22 -42.14 -0.69
CA SER A 121 -6.97 -42.63 -0.11
C SER A 121 -7.18 -43.31 1.21
N LEU A 122 -8.03 -42.76 2.07
CA LEU A 122 -8.37 -43.51 3.27
C LEU A 122 -9.36 -44.61 2.95
N GLY A 123 -10.06 -44.50 1.83
CA GLY A 123 -11.05 -45.50 1.47
C GLY A 123 -10.42 -46.83 1.11
N LEU A 124 -9.28 -46.79 0.42
CA LEU A 124 -8.62 -48.06 0.17
C LEU A 124 -7.70 -48.46 1.30
N SER A 125 -7.80 -47.82 2.46
CA SER A 125 -7.24 -48.44 3.65
C SER A 125 -8.24 -49.39 4.28
N PHE A 126 -9.53 -49.12 4.14
CA PHE A 126 -10.61 -49.84 4.83
C PHE A 126 -11.53 -50.44 3.76
N TYR A 127 -11.24 -51.64 3.29
CA TYR A 127 -10.23 -52.53 3.85
C TYR A 127 -9.30 -53.07 2.78
N GLN A 128 -8.27 -53.77 3.21
CA GLN A 128 -7.37 -54.41 2.28
C GLN A 128 -6.85 -55.72 2.87
N PRO A 129 -6.67 -56.77 2.06
CA PRO A 129 -6.03 -58.01 2.51
C PRO A 129 -4.53 -57.85 2.71
N GLU A 150 -4.16 -51.48 11.38
CA GLU A 150 -2.88 -50.79 11.50
C GLU A 150 -3.00 -49.27 11.50
N THR A 151 -1.85 -48.63 11.34
CA THR A 151 -1.71 -47.19 11.33
C THR A 151 -1.72 -46.61 9.92
N GLY A 152 -2.41 -47.26 8.98
CA GLY A 152 -2.49 -46.76 7.63
C GLY A 152 -3.72 -45.90 7.46
N TRP A 153 -3.83 -44.86 8.27
CA TRP A 153 -5.07 -44.16 8.46
C TRP A 153 -4.92 -42.66 8.41
N ILE A 154 -3.72 -42.13 8.66
CA ILE A 154 -3.58 -40.73 8.99
C ILE A 154 -3.27 -39.89 7.76
N GLU A 155 -2.77 -40.49 6.69
CA GLU A 155 -2.37 -39.74 5.52
C GLU A 155 -3.55 -39.07 4.81
N GLY A 156 -4.72 -39.66 4.85
CA GLY A 156 -5.91 -39.02 4.31
C GLY A 156 -6.56 -38.02 5.25
N ALA A 157 -6.60 -38.35 6.55
CA ALA A 157 -7.13 -37.43 7.53
C ALA A 157 -6.31 -36.16 7.59
N ALA A 158 -5.01 -36.27 7.38
CA ALA A 158 -4.15 -35.11 7.39
C ALA A 158 -4.41 -34.20 6.20
N ILE A 159 -4.63 -34.78 5.02
CA ILE A 159 -5.00 -33.98 3.85
C ILE A 159 -6.31 -33.25 4.09
N LEU A 160 -7.31 -33.97 4.62
CA LEU A 160 -8.63 -33.37 4.81
C LEU A 160 -8.59 -32.23 5.83
N LEU A 161 -8.01 -32.50 7.01
CA LEU A 161 -7.96 -31.47 8.04
C LEU A 161 -7.02 -30.32 7.65
N SER A 162 -5.94 -30.62 6.93
CA SER A 162 -5.02 -29.55 6.57
C SER A 162 -5.57 -28.68 5.47
N VAL A 163 -6.39 -29.25 4.58
CA VAL A 163 -7.07 -28.44 3.58
C VAL A 163 -8.07 -27.51 4.25
N VAL A 164 -8.75 -28.01 5.30
CA VAL A 164 -9.57 -27.12 6.13
C VAL A 164 -8.75 -26.00 6.75
N CYS A 165 -7.54 -26.32 7.21
CA CYS A 165 -6.74 -25.26 7.84
C CYS A 165 -6.19 -24.25 6.84
N VAL A 166 -5.80 -24.71 5.64
CA VAL A 166 -5.24 -23.76 4.69
C VAL A 166 -6.35 -22.87 4.11
N VAL A 167 -7.56 -23.39 3.99
CA VAL A 167 -8.61 -22.53 3.48
C VAL A 167 -9.04 -21.55 4.55
N LEU A 168 -8.92 -21.95 5.82
CA LEU A 168 -9.22 -21.01 6.89
C LEU A 168 -8.20 -19.89 6.96
N VAL A 169 -6.92 -20.18 6.69
CA VAL A 169 -5.92 -19.12 6.77
C VAL A 169 -6.05 -18.17 5.59
N THR A 170 -6.36 -18.68 4.40
CA THR A 170 -6.59 -17.78 3.26
C THR A 170 -7.81 -16.89 3.48
N ALA A 171 -8.87 -17.45 4.07
CA ALA A 171 -10.04 -16.63 4.36
C ALA A 171 -9.73 -15.56 5.40
N PHE A 172 -8.94 -15.89 6.42
CA PHE A 172 -8.62 -14.89 7.43
C PHE A 172 -7.76 -13.77 6.87
N ASN A 173 -6.88 -14.12 5.93
CA ASN A 173 -6.13 -13.13 5.17
C ASN A 173 -7.08 -12.15 4.48
N ASP A 174 -8.03 -12.69 3.73
CA ASP A 174 -8.87 -11.84 2.89
C ASP A 174 -9.81 -11.00 3.73
N TRP A 175 -10.18 -11.52 4.90
CA TRP A 175 -11.00 -10.77 5.83
C TRP A 175 -10.25 -9.57 6.39
N SER A 176 -8.98 -9.76 6.79
CA SER A 176 -8.24 -8.62 7.31
C SER A 176 -7.96 -7.58 6.24
N LYS A 177 -7.79 -8.02 5.01
CA LYS A 177 -7.66 -7.10 3.86
C LYS A 177 -8.86 -6.16 3.75
N GLU A 178 -10.07 -6.74 3.77
CA GLU A 178 -11.27 -5.91 3.72
C GLU A 178 -11.40 -5.04 4.96
N LYS A 179 -10.85 -5.48 6.09
CA LYS A 179 -10.85 -4.65 7.29
C LYS A 179 -10.02 -3.39 7.12
N GLN A 180 -8.85 -3.50 6.48
CA GLN A 180 -8.08 -2.27 6.27
C GLN A 180 -8.72 -1.35 5.23
N PHE A 181 -9.42 -1.90 4.24
CA PHE A 181 -10.11 -0.99 3.33
C PHE A 181 -11.28 -0.29 4.01
N ARG A 182 -11.95 -0.96 4.95
CA ARG A 182 -12.94 -0.24 5.76
C ARG A 182 -12.29 0.80 6.65
N GLY A 183 -11.07 0.54 7.13
CA GLY A 183 -10.36 1.53 7.91
C GLY A 183 -10.02 2.77 7.12
N LEU A 184 -9.72 2.61 5.83
CA LEU A 184 -9.63 3.77 4.94
C LEU A 184 -10.98 4.46 4.81
N GLN A 185 -12.04 3.68 4.60
CA GLN A 185 -13.31 4.24 4.16
C GLN A 185 -13.97 5.05 5.26
N SER A 186 -13.74 4.67 6.51
CA SER A 186 -14.32 5.42 7.63
C SER A 186 -13.73 6.82 7.71
N ARG A 187 -12.41 6.93 7.66
CA ARG A 187 -11.79 8.23 7.81
C ARG A 187 -11.96 9.07 6.56
N ILE A 188 -12.17 8.45 5.40
CA ILE A 188 -12.48 9.31 4.27
C ILE A 188 -13.95 9.71 4.31
N GLU A 189 -14.77 9.02 5.09
CA GLU A 189 -16.16 9.46 5.19
C GLU A 189 -16.27 10.69 6.07
N GLN A 190 -15.28 10.94 6.92
CA GLN A 190 -15.22 12.15 7.71
C GLN A 190 -14.78 13.32 6.83
N GLU A 191 -14.38 14.42 7.47
CA GLU A 191 -13.73 15.62 6.93
C GLU A 191 -14.69 16.49 6.12
N GLN A 192 -15.83 15.98 5.71
CA GLN A 192 -16.74 16.74 4.86
C GLN A 192 -17.69 17.48 5.77
N LYS A 193 -17.36 18.73 6.07
CA LYS A 193 -18.07 19.52 7.05
C LYS A 193 -18.86 20.61 6.33
N PHE A 194 -19.72 21.29 7.07
CA PHE A 194 -20.57 22.31 6.46
C PHE A 194 -20.66 23.51 7.37
N THR A 195 -21.62 24.37 7.06
CA THR A 195 -21.69 25.69 7.63
C THR A 195 -23.09 25.89 8.18
N VAL A 196 -23.27 25.56 9.45
CA VAL A 196 -24.60 25.53 10.05
C VAL A 196 -24.73 26.72 10.99
N ILE A 197 -25.89 27.36 10.95
CA ILE A 197 -26.10 28.62 11.68
C ILE A 197 -26.46 28.23 13.10
N ARG A 198 -25.42 28.10 13.93
CA ARG A 198 -25.62 27.64 15.30
C ARG A 198 -25.10 28.68 16.27
N GLY A 199 -26.04 29.41 16.89
CA GLY A 199 -25.77 30.44 17.86
C GLY A 199 -25.28 31.75 17.31
N GLY A 200 -25.05 31.85 16.00
CA GLY A 200 -24.30 32.96 15.45
C GLY A 200 -22.80 32.82 15.60
N GLN A 201 -22.33 31.71 16.15
CA GLN A 201 -20.91 31.42 16.32
C GLN A 201 -20.53 30.31 15.37
N VAL A 202 -21.06 30.42 14.14
CA VAL A 202 -21.18 29.42 13.09
C VAL A 202 -19.96 28.54 12.89
N ILE A 203 -20.15 27.23 12.98
CA ILE A 203 -19.07 26.28 13.18
C ILE A 203 -19.29 25.13 12.21
N GLN A 204 -18.26 24.29 12.04
CA GLN A 204 -18.34 23.16 11.12
C GLN A 204 -18.62 21.87 11.87
N ILE A 205 -19.73 21.24 11.54
CA ILE A 205 -20.11 19.93 12.08
C ILE A 205 -19.96 18.92 10.95
N PRO A 206 -19.81 17.63 11.24
CA PRO A 206 -19.74 16.65 10.17
C PRO A 206 -21.08 16.50 9.47
N VAL A 207 -21.02 15.90 8.28
CA VAL A 207 -22.17 15.84 7.39
C VAL A 207 -23.20 14.84 7.90
N ALA A 208 -22.78 13.83 8.64
CA ALA A 208 -23.71 12.79 9.07
C ALA A 208 -24.61 13.30 10.20
N ASP A 209 -24.07 14.13 11.08
CA ASP A 209 -24.80 14.64 12.22
C ASP A 209 -25.67 15.85 11.91
N ILE A 210 -25.94 16.11 10.65
CA ILE A 210 -26.88 17.16 10.31
C ILE A 210 -28.29 16.62 10.41
N THR A 211 -29.25 17.51 10.61
CA THR A 211 -30.63 17.12 10.88
C THR A 211 -31.53 17.97 10.00
N VAL A 212 -32.83 17.98 10.31
CA VAL A 212 -33.82 18.74 9.56
C VAL A 212 -34.39 19.82 10.47
N GLY A 213 -34.47 21.04 9.92
CA GLY A 213 -34.89 22.19 10.67
C GLY A 213 -33.80 23.21 10.87
N ASP A 214 -32.54 22.81 10.66
CA ASP A 214 -31.39 23.69 10.82
C ASP A 214 -31.12 24.45 9.51
N ILE A 215 -30.16 25.35 9.57
CA ILE A 215 -29.89 26.30 8.51
C ILE A 215 -28.49 26.04 7.97
N ALA A 216 -28.35 26.02 6.65
CA ALA A 216 -27.05 25.88 6.01
C ALA A 216 -26.72 27.16 5.28
N GLN A 217 -25.47 27.60 5.40
CA GLN A 217 -25.01 28.82 4.75
C GLN A 217 -23.98 28.43 3.72
N VAL A 218 -24.40 28.30 2.47
CA VAL A 218 -23.57 27.72 1.43
C VAL A 218 -22.96 28.83 0.59
N LYS A 219 -21.96 28.44 -0.19
CA LYS A 219 -21.27 29.36 -1.09
C LYS A 219 -20.80 28.56 -2.29
N TYR A 220 -19.99 29.20 -3.14
CA TYR A 220 -19.39 28.47 -4.23
C TYR A 220 -18.30 27.56 -3.70
N GLY A 221 -18.24 26.34 -4.23
CA GLY A 221 -17.15 25.42 -3.96
C GLY A 221 -17.58 24.14 -3.28
N ASP A 222 -18.72 24.16 -2.59
CA ASP A 222 -19.05 22.98 -1.80
C ASP A 222 -20.32 22.29 -2.27
N LEU A 223 -20.77 21.32 -1.49
CA LEU A 223 -21.81 20.40 -1.88
C LEU A 223 -23.15 20.80 -1.29
N LEU A 224 -24.14 19.98 -1.58
CA LEU A 224 -25.44 20.07 -0.92
C LEU A 224 -25.65 18.76 -0.21
N PRO A 225 -25.66 18.74 1.08
CA PRO A 225 -25.70 17.47 1.80
C PRO A 225 -27.12 16.99 2.05
N ALA A 226 -28.06 17.92 1.95
CA ALA A 226 -29.43 17.72 2.39
C ALA A 226 -30.27 18.78 1.72
N ASP A 227 -31.39 18.36 1.15
CA ASP A 227 -32.16 19.19 0.24
C ASP A 227 -32.85 20.33 0.99
N GLY A 228 -33.38 21.29 0.24
CA GLY A 228 -34.11 22.34 0.92
C GLY A 228 -34.61 23.57 0.20
N ILE A 229 -34.67 24.68 0.93
CA ILE A 229 -35.41 25.87 0.55
C ILE A 229 -34.49 27.08 0.69
N LEU A 230 -34.39 27.89 -0.37
CA LEU A 230 -33.69 29.16 -0.27
C LEU A 230 -34.44 30.15 0.59
N ILE A 231 -33.69 30.99 1.30
CA ILE A 231 -34.29 32.07 2.06
C ILE A 231 -33.66 33.42 1.71
N GLN A 232 -32.34 33.48 1.58
CA GLN A 232 -31.62 34.75 1.54
C GLN A 232 -30.58 34.75 0.43
N GLY A 233 -30.65 35.76 -0.44
CA GLY A 233 -29.81 35.90 -1.63
C GLY A 233 -30.12 34.78 -2.62
N ASN A 234 -29.23 34.58 -3.61
CA ASN A 234 -28.11 35.42 -4.08
C ASN A 234 -28.08 35.04 -5.57
N ASP A 235 -26.95 35.24 -6.26
CA ASP A 235 -26.80 34.76 -7.63
C ASP A 235 -26.97 33.25 -7.72
N LEU A 236 -25.98 32.52 -7.19
CA LEU A 236 -26.09 31.10 -6.81
C LEU A 236 -26.46 30.20 -7.99
N LYS A 237 -25.52 30.06 -8.93
CA LYS A 237 -25.67 29.03 -9.94
C LYS A 237 -25.19 27.70 -9.39
N ILE A 238 -25.88 26.61 -9.74
CA ILE A 238 -25.45 25.30 -9.28
C ILE A 238 -25.28 24.37 -10.46
N ASP A 239 -24.59 23.27 -10.22
CA ASP A 239 -24.53 22.17 -11.16
C ASP A 239 -25.75 21.29 -10.97
N GLU A 240 -26.12 20.57 -12.03
CA GLU A 240 -27.07 19.47 -11.90
C GLU A 240 -26.60 18.26 -12.68
N SER A 241 -25.29 18.05 -12.79
CA SER A 241 -24.78 16.98 -13.63
C SER A 241 -24.97 15.61 -13.01
N SER A 242 -25.15 15.52 -11.69
CA SER A 242 -25.33 14.22 -11.09
C SER A 242 -26.74 13.69 -11.31
N LEU A 243 -27.71 14.58 -11.48
CA LEU A 243 -29.09 14.15 -11.64
C LEU A 243 -29.54 14.20 -13.09
N THR A 244 -29.46 15.38 -13.71
CA THR A 244 -29.91 15.55 -15.08
C THR A 244 -28.71 15.61 -16.02
N GLY A 245 -28.93 15.23 -17.27
CA GLY A 245 -27.89 15.28 -18.28
C GLY A 245 -27.51 16.69 -18.71
N GLU A 246 -28.31 17.69 -18.36
CA GLU A 246 -27.99 19.07 -18.65
C GLU A 246 -26.86 19.52 -17.74
N SER A 247 -25.63 19.35 -18.24
CA SER A 247 -24.45 19.75 -17.50
C SER A 247 -24.21 21.24 -17.66
N ASP A 248 -25.11 22.06 -17.12
CA ASP A 248 -25.15 23.48 -17.42
C ASP A 248 -25.30 24.24 -16.10
N HIS A 249 -25.51 25.56 -16.21
CA HIS A 249 -25.63 26.42 -15.05
C HIS A 249 -27.06 26.95 -14.93
N VAL A 250 -27.61 26.85 -13.73
CA VAL A 250 -29.02 27.15 -13.49
C VAL A 250 -29.11 28.17 -12.37
N LYS A 251 -29.90 29.23 -12.60
CA LYS A 251 -30.19 30.23 -11.59
C LYS A 251 -30.99 29.64 -10.44
N LYS A 252 -30.88 30.26 -9.27
CA LYS A 252 -31.72 29.95 -8.13
C LYS A 252 -32.07 31.25 -7.43
N SER A 253 -33.34 31.41 -7.05
CA SER A 253 -33.78 32.63 -6.37
C SER A 253 -35.05 32.32 -5.61
N LEU A 254 -35.57 33.33 -4.92
CA LEU A 254 -36.85 33.20 -4.24
C LEU A 254 -38.04 33.35 -5.17
N ASP A 255 -37.80 33.64 -6.44
CA ASP A 255 -38.86 33.67 -7.44
C ASP A 255 -38.92 32.40 -8.27
N LYS A 256 -37.79 31.95 -8.80
CA LYS A 256 -37.68 30.69 -9.53
C LYS A 256 -36.86 29.73 -8.70
N ASP A 257 -37.40 28.52 -8.49
CA ASP A 257 -36.72 27.39 -7.86
C ASP A 257 -36.09 27.65 -6.50
N PRO A 258 -36.85 27.71 -5.44
CA PRO A 258 -36.23 27.65 -4.12
C PRO A 258 -36.00 26.21 -3.68
N LEU A 259 -35.40 25.38 -4.53
CA LEU A 259 -35.14 23.99 -4.23
C LEU A 259 -33.70 23.66 -4.52
N LEU A 260 -33.09 22.89 -3.65
CA LEU A 260 -31.71 22.50 -3.80
C LEU A 260 -31.61 20.99 -3.70
N LEU A 261 -30.71 20.41 -4.47
CA LEU A 261 -30.70 18.96 -4.65
C LEU A 261 -29.38 18.41 -4.15
N SER A 262 -29.45 17.35 -3.34
CA SER A 262 -28.25 16.75 -2.78
C SER A 262 -27.52 15.98 -3.85
N GLY A 263 -26.20 15.89 -3.70
CA GLY A 263 -25.37 15.25 -4.69
C GLY A 263 -24.94 16.13 -5.82
N THR A 264 -25.38 17.38 -5.86
CA THR A 264 -24.91 18.37 -6.80
C THR A 264 -23.91 19.26 -6.09
N HIS A 265 -23.43 20.28 -6.79
CA HIS A 265 -22.40 21.15 -6.22
C HIS A 265 -22.47 22.53 -6.82
N VAL A 266 -22.33 23.54 -5.96
CA VAL A 266 -22.51 24.92 -6.36
C VAL A 266 -21.33 25.41 -7.18
N MET A 267 -21.61 26.09 -8.30
CA MET A 267 -20.56 26.56 -9.18
C MET A 267 -20.13 27.99 -8.91
N GLU A 268 -21.07 28.92 -8.71
CA GLU A 268 -20.69 30.28 -8.32
C GLU A 268 -21.81 30.98 -7.57
N GLY A 269 -21.46 31.99 -6.77
CA GLY A 269 -22.41 32.69 -5.93
C GLY A 269 -22.30 32.27 -4.49
N SER A 270 -23.30 32.64 -3.71
CA SER A 270 -23.39 32.23 -2.30
C SER A 270 -24.86 32.13 -1.92
N GLY A 271 -25.13 32.06 -0.63
CA GLY A 271 -26.53 32.00 -0.21
C GLY A 271 -26.70 31.33 1.15
N ARG A 272 -27.92 30.81 1.36
CA ARG A 272 -28.38 30.37 2.67
C ARG A 272 -29.65 29.54 2.52
N MET A 273 -29.69 28.32 3.06
CA MET A 273 -30.84 27.44 2.88
C MET A 273 -31.26 26.79 4.19
N VAL A 274 -32.39 26.09 4.13
CA VAL A 274 -33.00 25.38 5.25
C VAL A 274 -33.26 23.95 4.83
N VAL A 275 -32.84 22.99 5.65
CA VAL A 275 -32.83 21.58 5.27
C VAL A 275 -34.24 21.01 5.15
N THR A 276 -34.48 20.28 4.05
CA THR A 276 -35.71 19.50 3.91
C THR A 276 -35.51 18.03 4.28
N ALA A 277 -34.64 17.30 3.61
CA ALA A 277 -34.56 15.86 3.78
C ALA A 277 -33.13 15.37 3.86
N VAL A 278 -32.95 14.26 4.56
CA VAL A 278 -31.65 13.64 4.72
C VAL A 278 -31.78 12.17 4.38
N GLY A 279 -30.67 11.43 4.50
CA GLY A 279 -30.67 9.97 4.43
C GLY A 279 -31.22 9.34 3.17
N VAL A 280 -31.80 8.14 3.30
CA VAL A 280 -32.51 7.54 2.18
C VAL A 280 -33.84 8.22 1.94
N ASN A 281 -34.31 9.03 2.89
CA ASN A 281 -35.49 9.85 2.68
C ASN A 281 -35.24 10.93 1.62
N SER A 282 -33.97 11.29 1.41
CA SER A 282 -33.61 12.23 0.36
C SER A 282 -33.82 11.61 -1.02
N GLN A 283 -33.78 12.47 -2.04
CA GLN A 283 -34.17 12.04 -3.38
C GLN A 283 -33.11 11.15 -4.03
N THR A 284 -31.85 11.55 -3.91
CA THR A 284 -30.75 10.77 -4.47
C THR A 284 -30.66 9.41 -3.80
N GLY A 285 -30.96 9.36 -2.50
CA GLY A 285 -31.02 8.10 -1.80
C GLY A 285 -32.12 7.17 -2.29
N ILE A 286 -33.28 7.75 -2.62
CA ILE A 286 -34.39 6.98 -3.16
C ILE A 286 -34.02 6.40 -4.52
N ILE A 287 -33.39 7.21 -5.36
CA ILE A 287 -33.00 6.69 -6.67
C ILE A 287 -31.83 5.73 -6.54
N PHE A 288 -31.03 5.89 -5.49
CA PHE A 288 -29.95 4.95 -5.21
C PHE A 288 -30.49 3.62 -4.72
N THR A 289 -31.65 3.63 -4.10
CA THR A 289 -32.34 2.39 -3.76
C THR A 289 -32.93 1.69 -4.96
N LEU A 290 -33.72 2.39 -5.76
CA LEU A 290 -34.45 1.79 -6.87
C LEU A 290 -33.54 1.55 -8.06
N SER A 360 -6.57 -3.11 -14.89
CA SER A 360 -6.28 -1.74 -14.49
C SER A 360 -5.12 -1.19 -15.29
N VAL A 361 -3.96 -1.10 -14.65
CA VAL A 361 -2.75 -0.55 -15.26
C VAL A 361 -1.62 -1.57 -15.15
N LEU A 362 -1.34 -2.00 -13.93
CA LEU A 362 -0.29 -2.96 -13.67
C LEU A 362 -0.75 -4.39 -13.81
N GLN A 363 -1.96 -4.70 -13.38
CA GLN A 363 -2.36 -6.08 -13.19
C GLN A 363 -2.56 -6.85 -14.48
N GLY A 364 -2.51 -6.18 -15.63
CA GLY A 364 -2.50 -6.90 -16.89
C GLY A 364 -1.27 -7.77 -17.03
N LYS A 365 -0.12 -7.26 -16.60
CA LYS A 365 1.11 -8.03 -16.66
C LYS A 365 1.06 -9.20 -15.69
N LEU A 366 0.43 -9.02 -14.52
CA LEU A 366 0.38 -10.12 -13.57
C LEU A 366 -0.58 -11.20 -14.02
N THR A 367 -1.72 -10.83 -14.61
CA THR A 367 -2.63 -11.87 -15.07
C THR A 367 -2.03 -12.66 -16.24
N LYS A 368 -1.35 -11.96 -17.16
CA LYS A 368 -0.68 -12.65 -18.26
C LYS A 368 0.41 -13.59 -17.74
N LEU A 369 1.20 -13.12 -16.77
CA LEU A 369 2.30 -13.91 -16.24
C LEU A 369 1.78 -15.09 -15.45
N ALA A 370 0.68 -14.91 -14.71
CA ALA A 370 0.11 -16.00 -13.96
C ALA A 370 -0.54 -17.04 -14.86
N VAL A 371 -1.10 -16.61 -16.00
CA VAL A 371 -1.67 -17.60 -16.91
C VAL A 371 -0.57 -18.42 -17.59
N GLN A 372 0.57 -17.80 -17.88
CA GLN A 372 1.67 -18.57 -18.44
C GLN A 372 2.24 -19.57 -17.44
N ILE A 373 2.36 -19.16 -16.17
CA ILE A 373 2.80 -20.11 -15.15
C ILE A 373 1.77 -21.20 -14.93
N GLY A 374 0.48 -20.87 -15.04
CA GLY A 374 -0.56 -21.87 -14.89
C GLY A 374 -0.49 -22.94 -15.95
N LYS A 375 -0.24 -22.55 -17.20
CA LYS A 375 -0.08 -23.55 -18.26
C LYS A 375 1.18 -24.39 -18.06
N ALA A 376 2.29 -23.75 -17.66
CA ALA A 376 3.54 -24.49 -17.51
C ALA A 376 3.45 -25.52 -16.39
N GLY A 377 2.89 -25.14 -15.25
CA GLY A 377 2.75 -26.08 -14.15
C GLY A 377 1.71 -27.14 -14.43
N LEU A 378 0.66 -26.77 -15.17
CA LEU A 378 -0.38 -27.72 -15.52
C LEU A 378 0.17 -28.77 -16.46
N LEU A 379 1.20 -28.45 -17.23
CA LEU A 379 1.78 -29.52 -18.02
C LEU A 379 2.82 -30.30 -17.25
N MET A 380 3.54 -29.65 -16.33
CA MET A 380 4.62 -30.36 -15.63
C MET A 380 4.06 -31.41 -14.68
N SER A 381 2.94 -31.12 -14.02
CA SER A 381 2.28 -32.11 -13.19
C SER A 381 1.85 -33.34 -13.99
N ALA A 382 1.33 -33.13 -15.19
CA ALA A 382 0.88 -34.25 -16.01
C ALA A 382 2.06 -35.08 -16.48
N ILE A 383 3.20 -34.42 -16.73
CA ILE A 383 4.42 -35.15 -17.06
C ILE A 383 4.83 -36.07 -15.91
N THR A 384 4.81 -35.57 -14.67
CA THR A 384 5.18 -36.41 -13.54
C THR A 384 4.21 -37.57 -13.33
N VAL A 385 2.91 -37.32 -13.56
CA VAL A 385 1.91 -38.37 -13.40
C VAL A 385 2.11 -39.49 -14.41
N ILE A 386 2.27 -39.12 -15.68
CA ILE A 386 2.43 -40.12 -16.74
C ILE A 386 3.71 -40.92 -16.54
N ILE A 387 4.80 -40.25 -16.15
CA ILE A 387 6.04 -40.96 -15.90
C ILE A 387 5.90 -41.92 -14.72
N LEU A 388 5.16 -41.52 -13.70
CA LEU A 388 5.05 -42.40 -12.53
C LEU A 388 4.22 -43.64 -12.82
N VAL A 389 3.08 -43.48 -13.51
CA VAL A 389 2.28 -44.66 -13.81
C VAL A 389 3.00 -45.56 -14.81
N LEU A 390 3.72 -44.97 -15.76
CA LEU A 390 4.43 -45.75 -16.75
C LEU A 390 5.59 -46.51 -16.11
N TYR A 391 6.29 -45.85 -15.19
CA TYR A 391 7.44 -46.46 -14.56
C TYR A 391 7.03 -47.57 -13.62
N PHE A 392 5.93 -47.40 -12.90
CA PHE A 392 5.43 -48.47 -12.06
C PHE A 392 4.96 -49.67 -12.85
N VAL A 393 4.08 -49.45 -13.85
CA VAL A 393 3.56 -50.58 -14.61
C VAL A 393 4.64 -51.30 -15.40
N ILE A 394 5.59 -50.58 -15.99
CA ILE A 394 6.69 -51.23 -16.69
C ILE A 394 7.64 -51.94 -15.72
N ASP A 395 7.97 -51.33 -14.58
CA ASP A 395 8.95 -51.96 -13.69
C ASP A 395 8.31 -53.05 -12.84
N THR A 396 6.99 -53.24 -12.95
CA THR A 396 6.41 -54.40 -12.28
C THR A 396 5.97 -55.47 -13.27
N PHE A 397 5.10 -55.12 -14.22
CA PHE A 397 4.28 -56.13 -14.88
C PHE A 397 4.73 -56.51 -16.29
N TRP A 398 5.43 -55.64 -17.02
CA TRP A 398 5.91 -56.02 -18.34
C TRP A 398 7.40 -56.31 -18.33
N VAL A 399 8.14 -55.68 -17.43
CA VAL A 399 9.51 -56.05 -17.11
C VAL A 399 9.56 -56.19 -15.60
N GLN A 400 10.68 -56.73 -15.11
CA GLN A 400 10.78 -57.35 -13.79
C GLN A 400 9.62 -58.28 -13.55
N LYS A 401 9.38 -59.16 -14.52
CA LYS A 401 8.11 -59.83 -14.67
C LYS A 401 8.31 -61.09 -15.51
N ARG A 402 7.57 -62.18 -15.23
CA ARG A 402 6.54 -62.50 -14.21
C ARG A 402 5.33 -61.56 -14.00
N PRO A 403 4.36 -61.60 -14.92
CA PRO A 403 3.11 -60.86 -14.70
C PRO A 403 2.31 -61.43 -13.55
N TRP A 404 1.79 -60.55 -12.69
CA TRP A 404 1.16 -60.96 -11.44
C TRP A 404 -0.31 -60.60 -11.44
N LEU A 405 -0.91 -60.46 -12.63
CA LEU A 405 -2.28 -60.00 -12.76
C LEU A 405 -3.25 -61.03 -12.20
N ALA A 406 -3.96 -60.65 -11.15
CA ALA A 406 -4.65 -61.60 -10.29
C ALA A 406 -5.86 -60.93 -9.68
N GLU A 407 -6.38 -61.53 -8.61
CA GLU A 407 -7.58 -61.06 -7.94
C GLU A 407 -7.29 -60.08 -6.80
N CYS A 408 -6.03 -59.77 -6.53
CA CYS A 408 -5.69 -58.82 -5.46
C CYS A 408 -5.56 -57.43 -6.06
N THR A 409 -6.66 -56.94 -6.62
CA THR A 409 -6.70 -55.64 -7.30
C THR A 409 -6.44 -54.40 -6.45
N PRO A 410 -7.12 -54.15 -5.30
CA PRO A 410 -7.23 -52.76 -4.83
C PRO A 410 -5.96 -52.16 -4.30
N ILE A 411 -4.92 -52.97 -4.03
CA ILE A 411 -3.60 -52.43 -3.74
C ILE A 411 -3.02 -51.72 -4.95
N TYR A 412 -3.38 -52.17 -6.15
CA TYR A 412 -2.84 -51.57 -7.35
C TYR A 412 -3.56 -50.26 -7.67
N ILE A 413 -4.89 -50.26 -7.48
CA ILE A 413 -5.67 -49.03 -7.55
C ILE A 413 -5.20 -48.07 -6.47
N GLN A 414 -4.80 -48.59 -5.33
CA GLN A 414 -4.26 -47.78 -4.25
C GLN A 414 -2.97 -47.08 -4.67
N TYR A 415 -2.08 -47.78 -5.38
CA TYR A 415 -0.92 -47.08 -5.92
C TYR A 415 -1.27 -46.05 -6.99
N PHE A 416 -2.27 -46.31 -7.82
CA PHE A 416 -2.73 -45.26 -8.72
C PHE A 416 -3.26 -44.04 -7.98
N VAL A 417 -3.93 -44.24 -6.86
CA VAL A 417 -4.36 -43.14 -6.01
C VAL A 417 -3.18 -42.34 -5.46
N LYS A 418 -2.12 -43.02 -5.02
CA LYS A 418 -0.96 -42.29 -4.52
C LYS A 418 -0.26 -41.50 -5.62
N PHE A 419 -0.21 -42.06 -6.83
CA PHE A 419 0.36 -41.30 -7.95
C PHE A 419 -0.47 -40.07 -8.27
N PHE A 420 -1.79 -40.22 -8.25
CA PHE A 420 -2.65 -39.08 -8.56
C PHE A 420 -2.59 -38.03 -7.47
N ILE A 421 -2.31 -38.44 -6.24
CA ILE A 421 -2.14 -37.44 -5.19
C ILE A 421 -0.82 -36.72 -5.35
N ILE A 422 0.22 -37.34 -5.93
CA ILE A 422 1.44 -36.59 -6.21
C ILE A 422 1.19 -35.56 -7.29
N GLY A 423 0.39 -35.92 -8.29
CA GLY A 423 0.09 -34.97 -9.35
C GLY A 423 -0.69 -33.77 -8.87
N VAL A 424 -1.71 -34.00 -8.06
CA VAL A 424 -2.48 -32.88 -7.55
C VAL A 424 -1.65 -32.04 -6.58
N THR A 425 -0.81 -32.68 -5.77
CA THR A 425 -0.03 -31.88 -4.85
C THR A 425 1.14 -31.19 -5.51
N VAL A 426 1.46 -31.52 -6.76
CA VAL A 426 2.35 -30.63 -7.47
C VAL A 426 1.58 -29.48 -8.11
N LEU A 427 0.36 -29.72 -8.61
CA LEU A 427 -0.46 -28.58 -9.10
C LEU A 427 -0.80 -27.57 -8.04
N VAL A 428 -0.82 -27.97 -6.76
CA VAL A 428 -1.01 -26.98 -5.72
C VAL A 428 0.15 -25.99 -5.67
N VAL A 429 1.38 -26.47 -5.70
CA VAL A 429 2.52 -25.58 -5.72
C VAL A 429 2.66 -24.84 -7.04
N ALA A 430 2.58 -25.52 -8.17
CA ALA A 430 2.93 -24.94 -9.45
C ALA A 430 1.95 -23.89 -9.95
N VAL A 431 0.76 -23.79 -9.38
CA VAL A 431 -0.09 -22.66 -9.69
C VAL A 431 -0.14 -21.75 -8.48
N PRO A 432 0.37 -20.53 -8.56
CA PRO A 432 0.16 -19.57 -7.48
C PRO A 432 -1.31 -19.18 -7.45
N GLU A 433 -1.95 -19.39 -6.29
CA GLU A 433 -3.39 -19.32 -6.23
C GLU A 433 -3.90 -17.90 -6.37
N GLY A 434 -3.37 -16.96 -5.60
CA GLY A 434 -3.61 -15.58 -5.96
C GLY A 434 -2.33 -14.81 -6.20
N LEU A 435 -2.01 -14.54 -7.45
CA LEU A 435 -0.89 -13.66 -7.70
C LEU A 435 -1.27 -12.17 -7.77
N PRO A 436 -2.36 -11.71 -8.44
CA PRO A 436 -2.67 -10.25 -8.40
C PRO A 436 -3.05 -9.72 -7.03
N LEU A 437 -3.42 -10.62 -6.14
CA LEU A 437 -3.70 -10.24 -4.78
C LEU A 437 -2.46 -9.74 -4.06
N ALA A 438 -1.26 -9.97 -4.58
CA ALA A 438 -0.07 -9.27 -4.11
C ALA A 438 -0.20 -7.76 -4.24
N VAL A 439 -0.63 -7.28 -5.41
CA VAL A 439 -0.91 -5.87 -5.62
C VAL A 439 -1.93 -5.39 -4.62
N THR A 440 -3.01 -6.16 -4.45
CA THR A 440 -4.05 -5.59 -3.60
C THR A 440 -3.69 -5.61 -2.11
N ILE A 441 -2.98 -6.63 -1.63
CA ILE A 441 -2.47 -6.66 -0.25
C ILE A 441 -1.52 -5.51 0.03
N SER A 442 -0.49 -5.39 -0.81
CA SER A 442 0.52 -4.37 -0.61
C SER A 442 -0.06 -2.98 -0.70
N LEU A 443 -1.01 -2.78 -1.59
CA LEU A 443 -1.63 -1.48 -1.68
C LEU A 443 -2.50 -1.18 -0.49
N ALA A 444 -3.14 -2.19 0.11
CA ALA A 444 -3.95 -1.96 1.31
C ALA A 444 -3.13 -1.49 2.50
N TYR A 445 -2.11 -2.27 2.84
CA TYR A 445 -1.23 -1.89 3.95
C TYR A 445 -0.51 -0.57 3.68
N SER A 446 -0.15 -0.32 2.42
CA SER A 446 0.35 0.97 2.01
C SER A 446 -0.64 2.11 2.21
N VAL A 447 -1.93 1.91 1.95
CA VAL A 447 -2.91 2.98 2.17
C VAL A 447 -2.99 3.36 3.63
N LYS A 448 -3.11 2.34 4.50
CA LYS A 448 -3.23 2.64 5.92
C LYS A 448 -1.98 3.28 6.50
N LYS A 449 -0.78 2.96 5.99
CA LYS A 449 0.36 3.71 6.50
C LYS A 449 0.63 5.01 5.76
N MET A 450 0.08 5.22 4.56
CA MET A 450 0.18 6.54 3.95
C MET A 450 -0.59 7.58 4.70
N MET A 451 -1.76 7.19 5.22
CA MET A 451 -2.69 8.09 5.89
C MET A 451 -2.06 8.87 7.06
N LYS A 452 -1.01 8.34 7.67
CA LYS A 452 -0.24 9.05 8.68
C LYS A 452 0.69 10.09 8.09
N ASP A 453 1.09 9.94 6.82
CA ASP A 453 2.05 10.84 6.18
C ASP A 453 1.37 11.94 5.40
N ASN A 454 0.28 12.48 5.93
CA ASN A 454 -0.49 13.60 5.43
C ASN A 454 -1.18 13.32 4.11
N ASN A 455 -1.15 12.09 3.62
CA ASN A 455 -1.43 11.82 2.23
C ASN A 455 -2.56 10.81 2.17
N LEU A 456 -3.72 11.25 1.75
CA LEU A 456 -4.94 10.47 1.82
C LEU A 456 -5.35 10.05 0.41
N VAL A 457 -5.61 8.77 0.22
CA VAL A 457 -5.87 8.21 -1.10
C VAL A 457 -7.36 7.96 -1.25
N ARG A 458 -7.93 8.42 -2.35
CA ARG A 458 -9.36 8.40 -2.56
C ARG A 458 -9.76 7.45 -3.67
N HIS A 459 -8.90 7.22 -4.65
CA HIS A 459 -9.10 6.22 -5.69
C HIS A 459 -7.92 5.28 -5.67
N LEU A 460 -8.20 3.98 -5.75
CA LEU A 460 -7.18 2.95 -5.55
C LEU A 460 -6.39 2.65 -6.81
N ASP A 461 -6.33 3.57 -7.76
CA ASP A 461 -5.47 3.41 -8.91
C ASP A 461 -4.44 4.52 -9.01
N ALA A 462 -4.60 5.59 -8.24
CA ALA A 462 -3.61 6.64 -8.26
C ALA A 462 -2.47 6.35 -7.29
N CYS A 463 -2.56 5.26 -6.55
CA CYS A 463 -1.39 4.84 -5.78
C CYS A 463 -0.32 4.30 -6.70
N GLU A 464 -0.69 3.42 -7.61
CA GLU A 464 0.31 2.73 -8.40
C GLU A 464 0.69 3.53 -9.64
N THR A 465 -0.25 4.24 -10.23
CA THR A 465 -0.03 5.02 -11.44
C THR A 465 1.03 6.08 -11.25
N MET A 466 1.11 6.66 -10.08
CA MET A 466 2.14 7.63 -9.76
C MET A 466 2.91 7.08 -8.59
N GLY A 467 4.05 6.43 -8.83
CA GLY A 467 4.33 5.76 -10.09
C GLY A 467 5.20 6.42 -11.13
N ASN A 468 4.67 6.38 -12.33
CA ASN A 468 5.43 6.65 -13.54
C ASN A 468 5.31 8.12 -13.87
N ALA A 469 5.50 8.98 -12.88
CA ALA A 469 5.19 10.39 -13.04
C ALA A 469 6.34 11.01 -13.80
N THR A 470 6.04 11.96 -14.64
CA THR A 470 7.05 12.69 -15.38
C THR A 470 6.97 14.18 -15.19
N ALA A 471 5.78 14.69 -14.90
CA ALA A 471 5.62 16.12 -14.74
C ALA A 471 4.54 16.39 -13.72
N ILE A 472 4.77 17.43 -12.95
CA ILE A 472 3.79 17.84 -11.96
C ILE A 472 3.39 19.28 -12.25
N CYS A 473 2.29 19.46 -12.95
CA CYS A 473 1.79 20.81 -13.19
C CYS A 473 1.23 21.33 -11.89
N SER A 474 2.07 22.01 -11.12
CA SER A 474 1.71 22.44 -9.78
C SER A 474 1.04 23.81 -9.84
N ASP A 475 0.62 24.28 -8.68
CA ASP A 475 0.28 25.67 -8.50
C ASP A 475 1.23 26.28 -7.50
N LYS A 476 1.25 27.61 -7.45
CA LYS A 476 2.16 28.30 -6.56
C LYS A 476 1.54 28.63 -5.24
N THR A 477 0.38 29.30 -5.24
CA THR A 477 -0.17 29.91 -4.05
C THR A 477 -0.61 28.84 -3.07
N GLY A 478 0.16 28.65 -2.03
CA GLY A 478 -0.17 27.69 -0.99
C GLY A 478 0.48 26.34 -1.13
N THR A 479 0.95 25.98 -2.31
CA THR A 479 1.53 24.66 -2.50
C THR A 479 3.03 24.65 -2.36
N LEU A 480 3.72 25.63 -2.91
CA LEU A 480 5.14 25.81 -2.64
C LEU A 480 5.40 26.75 -1.49
N THR A 481 4.76 27.91 -1.48
CA THR A 481 5.01 28.91 -0.45
C THR A 481 4.33 28.51 0.85
N MET A 482 4.67 29.21 1.94
CA MET A 482 4.09 28.90 3.24
C MET A 482 2.68 29.44 3.43
N ASN A 483 2.24 30.36 2.56
CA ASN A 483 0.94 31.04 2.64
C ASN A 483 0.76 31.75 3.97
N ARG A 484 1.85 32.23 4.58
CA ARG A 484 1.81 33.11 5.74
C ARG A 484 2.67 34.28 5.32
N MET A 485 2.09 35.24 4.64
CA MET A 485 2.91 36.31 4.09
C MET A 485 2.99 37.47 5.07
N THR A 486 3.97 38.34 4.81
CA THR A 486 4.24 39.51 5.63
C THR A 486 4.18 40.73 4.72
N VAL A 487 4.56 41.87 5.28
CA VAL A 487 4.73 43.10 4.52
C VAL A 487 6.19 43.52 4.70
N VAL A 488 7.03 43.11 3.77
CA VAL A 488 8.46 43.32 3.96
C VAL A 488 8.88 44.77 3.70
N GLN A 489 8.52 45.33 2.56
CA GLN A 489 8.95 46.67 2.23
C GLN A 489 7.73 47.59 2.20
N ALA A 490 7.97 48.86 1.87
CA ALA A 490 6.94 49.90 1.92
C ALA A 490 7.46 51.13 1.20
N TYR A 491 6.52 51.94 0.73
CA TYR A 491 6.86 53.23 0.15
C TYR A 491 5.91 54.28 0.72
N ILE A 492 6.22 54.76 1.92
CA ILE A 492 5.55 55.90 2.49
C ILE A 492 6.47 57.12 2.53
N ASN A 493 7.72 56.93 2.92
CA ASN A 493 8.77 57.94 2.95
C ASN A 493 9.54 57.98 1.65
N GLU A 494 8.80 58.03 0.55
CA GLU A 494 9.16 58.34 -0.83
C GLU A 494 9.95 57.23 -1.54
N LYS A 495 10.44 56.21 -0.84
CA LYS A 495 11.46 55.37 -1.45
C LYS A 495 11.66 54.02 -0.78
N HIS A 496 12.72 53.31 -1.18
CA HIS A 496 12.85 51.88 -0.87
C HIS A 496 13.58 51.66 0.45
N TYR A 497 13.21 52.44 1.47
CA TYR A 497 13.72 52.21 2.84
C TYR A 497 13.26 50.81 3.26
N LYS A 498 14.00 50.15 4.15
CA LYS A 498 14.04 48.71 4.41
C LYS A 498 12.82 48.30 5.25
N LYS A 499 12.92 47.15 5.92
CA LYS A 499 11.81 46.52 6.63
C LYS A 499 11.31 47.42 7.74
N VAL A 500 10.12 47.98 7.54
CA VAL A 500 9.44 48.95 8.41
C VAL A 500 10.32 50.15 8.69
N PRO A 507 2.43 62.73 9.59
CA PRO A 507 1.85 61.73 10.51
C PRO A 507 0.33 61.75 10.72
N PRO A 508 -0.39 62.89 10.57
CA PRO A 508 -1.85 62.75 10.38
C PRO A 508 -2.22 62.11 9.04
N ASN A 509 -1.35 62.20 8.05
CA ASN A 509 -1.53 61.40 6.85
C ASN A 509 -1.18 59.94 7.12
N ILE A 510 -0.29 59.70 8.08
CA ILE A 510 -0.04 58.33 8.52
C ILE A 510 -1.20 57.84 9.39
N LEU A 511 -1.89 58.75 10.10
CA LEU A 511 -3.18 58.41 10.70
C LEU A 511 -4.21 58.04 9.64
N SER A 512 -4.23 58.79 8.53
CA SER A 512 -5.10 58.44 7.41
C SER A 512 -4.72 57.09 6.82
N TYR A 513 -3.43 56.80 6.80
CA TYR A 513 -2.92 55.50 6.37
C TYR A 513 -3.37 54.38 7.30
N LEU A 514 -3.47 54.68 8.59
CA LEU A 514 -4.04 53.71 9.51
C LEU A 514 -5.53 53.53 9.25
N VAL A 515 -6.22 54.60 8.88
CA VAL A 515 -7.65 54.49 8.55
C VAL A 515 -7.83 53.62 7.30
N THR A 516 -6.89 53.72 6.36
CA THR A 516 -6.90 52.82 5.21
C THR A 516 -6.66 51.37 5.64
N GLY A 517 -5.50 51.11 6.26
CA GLY A 517 -5.07 49.75 6.52
C GLY A 517 -5.85 49.04 7.60
N ILE A 518 -6.65 49.77 8.38
CA ILE A 518 -7.40 49.14 9.45
C ILE A 518 -8.89 48.98 9.11
N SER A 519 -9.48 49.93 8.38
CA SER A 519 -10.90 49.87 8.05
C SER A 519 -11.15 49.23 6.70
N VAL A 520 -10.37 48.19 6.37
CA VAL A 520 -10.45 47.58 5.05
C VAL A 520 -11.79 46.87 4.86
N ASN A 521 -12.15 45.99 5.78
CA ASN A 521 -13.29 45.12 5.58
C ASN A 521 -14.12 45.05 6.86
N CYS A 522 -15.02 44.09 6.93
CA CYS A 522 -15.72 43.76 8.15
C CYS A 522 -15.41 42.36 8.64
N ALA A 523 -14.67 41.58 7.85
CA ALA A 523 -14.24 40.25 8.23
C ALA A 523 -12.73 40.11 8.14
N TYR A 524 -12.00 41.09 8.70
CA TYR A 524 -10.54 41.01 8.70
C TYR A 524 -10.05 39.86 9.56
N THR A 525 -10.62 39.73 10.77
CA THR A 525 -10.55 38.53 11.62
C THR A 525 -9.11 38.13 11.97
N SER A 526 -8.43 39.00 12.70
CA SER A 526 -7.15 38.64 13.33
C SER A 526 -7.47 38.22 14.76
N LYS A 527 -7.19 36.96 15.06
CA LYS A 527 -7.60 36.29 16.29
C LYS A 527 -6.36 36.00 17.13
N ILE A 528 -5.53 37.03 17.29
CA ILE A 528 -4.10 36.85 17.52
C ILE A 528 -3.91 36.63 19.02
N LEU A 529 -4.12 35.38 19.45
CA LEU A 529 -3.25 34.74 20.44
C LEU A 529 -3.22 33.21 20.30
N PRO A 530 -2.77 32.66 19.15
CA PRO A 530 -2.49 31.23 19.11
C PRO A 530 -1.01 30.98 19.38
N PRO A 531 -0.52 29.72 19.30
CA PRO A 531 -1.05 28.35 19.45
C PRO A 531 -0.69 27.70 20.79
N GLU A 532 0.43 28.14 21.37
CA GLU A 532 0.82 27.73 22.72
C GLU A 532 1.38 28.92 23.49
N LYS A 533 1.28 30.12 22.91
CA LYS A 533 1.74 31.38 23.49
C LYS A 533 3.21 31.37 23.85
N GLU A 534 4.04 30.76 23.00
CA GLU A 534 5.49 30.73 23.23
C GLU A 534 6.22 31.50 22.14
N GLY A 535 6.07 31.11 20.89
CA GLY A 535 6.76 31.78 19.80
C GLY A 535 5.79 32.58 18.97
N GLY A 536 6.18 33.79 18.59
CA GLY A 536 5.25 34.74 18.00
C GLY A 536 4.82 34.39 16.59
N LEU A 537 4.09 33.28 16.45
CA LEU A 537 3.72 32.73 15.16
C LEU A 537 2.20 32.61 15.12
N PRO A 538 1.48 33.67 14.80
CA PRO A 538 0.02 33.59 14.78
C PRO A 538 -0.51 33.23 13.40
N ARG A 539 -1.69 32.59 13.40
CA ARG A 539 -2.42 32.40 12.16
C ARG A 539 -3.66 33.26 12.13
N HIS A 540 -4.30 33.28 10.96
CA HIS A 540 -5.27 34.31 10.63
C HIS A 540 -6.47 33.67 9.95
N VAL A 541 -7.49 34.48 9.64
CA VAL A 541 -8.68 34.03 8.94
C VAL A 541 -9.02 35.08 7.89
N GLY A 542 -9.21 34.63 6.66
CA GLY A 542 -9.53 35.50 5.54
C GLY A 542 -8.48 35.42 4.44
N ASN A 543 -8.68 36.24 3.42
CA ASN A 543 -7.72 36.29 2.33
C ASN A 543 -6.45 36.97 2.82
N LYS A 544 -5.33 36.28 2.66
CA LYS A 544 -4.22 36.44 3.60
C LYS A 544 -3.29 37.60 3.27
N THR A 545 -3.43 38.23 2.12
CA THR A 545 -2.73 39.48 1.88
C THR A 545 -3.21 40.56 2.83
N GLU A 546 -4.52 40.56 3.07
CA GLU A 546 -5.12 41.56 3.95
C GLU A 546 -4.67 41.36 5.38
N CYS A 547 -4.56 40.11 5.81
CA CYS A 547 -4.14 39.87 7.18
C CYS A 547 -2.66 40.13 7.34
N ALA A 548 -1.87 39.97 6.26
CA ALA A 548 -0.47 40.38 6.32
C ALA A 548 -0.36 41.88 6.49
N LEU A 549 -1.17 42.61 5.72
CA LEU A 549 -1.24 44.06 5.80
C LEU A 549 -1.56 44.51 7.21
N LEU A 550 -2.61 43.94 7.79
CA LEU A 550 -3.03 44.36 9.12
C LEU A 550 -2.06 43.84 10.18
N GLY A 551 -1.34 42.75 9.90
CA GLY A 551 -0.42 42.20 10.87
C GLY A 551 0.81 43.07 11.03
N LEU A 552 1.39 43.52 9.91
CA LEU A 552 2.49 44.47 10.03
C LEU A 552 2.02 45.91 9.97
N LEU A 553 0.72 46.16 10.13
CA LEU A 553 0.26 47.41 10.70
C LEU A 553 -0.09 47.31 12.18
N LEU A 554 -0.05 46.11 12.75
CA LEU A 554 -0.01 45.95 14.19
C LEU A 554 1.40 45.97 14.75
N ASP A 555 2.41 45.81 13.90
CA ASP A 555 3.79 45.87 14.35
C ASP A 555 4.29 47.31 14.41
N LEU A 556 3.48 48.27 13.97
CA LEU A 556 3.83 49.67 14.15
C LEU A 556 3.25 50.24 15.45
N LYS A 557 3.01 49.33 16.41
CA LYS A 557 2.51 49.55 17.78
C LYS A 557 1.29 50.48 17.82
N ARG A 558 0.28 50.09 17.05
CA ARG A 558 -0.94 50.87 17.02
C ARG A 558 -2.16 49.95 17.12
N ASP A 559 -3.22 50.48 17.72
CA ASP A 559 -4.46 49.76 17.99
C ASP A 559 -5.33 49.78 16.75
N TYR A 560 -5.45 48.63 16.07
CA TYR A 560 -6.41 48.53 15.00
C TYR A 560 -7.82 48.28 15.52
N GLN A 561 -7.92 47.52 16.62
CA GLN A 561 -9.23 47.13 17.15
C GLN A 561 -9.91 48.32 17.83
N ASP A 562 -9.15 49.33 18.23
CA ASP A 562 -9.76 50.55 18.77
C ASP A 562 -10.50 51.31 17.68
N VAL A 563 -9.97 51.28 16.45
CA VAL A 563 -10.56 52.07 15.38
C VAL A 563 -11.46 51.22 14.48
N ARG A 564 -11.43 49.89 14.61
CA ARG A 564 -12.41 49.08 13.89
C ARG A 564 -13.81 49.19 14.48
N ASN A 565 -13.96 49.80 15.64
CA ASN A 565 -15.21 50.41 16.08
C ASN A 565 -14.79 51.85 16.45
N GLU A 566 -14.72 52.78 15.48
CA GLU A 566 -15.60 53.13 14.33
C GLU A 566 -16.47 52.14 13.51
N ILE A 567 -17.76 52.44 13.46
CA ILE A 567 -18.78 51.62 12.83
C ILE A 567 -18.56 51.70 11.32
N PRO A 568 -18.89 50.65 10.55
CA PRO A 568 -18.91 50.86 9.10
C PRO A 568 -20.08 51.71 8.64
N TYR A 573 -20.36 53.79 4.64
CA TYR A 573 -21.39 53.75 3.61
C TYR A 573 -21.24 52.45 2.81
N LYS A 574 -20.88 52.57 1.54
CA LYS A 574 -20.78 51.44 0.63
C LYS A 574 -19.33 50.98 0.51
N VAL A 575 -19.02 49.88 1.17
CA VAL A 575 -17.72 49.22 1.09
C VAL A 575 -17.84 48.18 -0.01
N TYR A 576 -17.28 48.47 -1.19
CA TYR A 576 -17.41 47.56 -2.32
C TYR A 576 -16.56 46.32 -2.10
N THR A 577 -17.00 45.21 -2.68
CA THR A 577 -16.29 43.94 -2.65
C THR A 577 -15.23 43.94 -3.75
N PHE A 578 -14.66 42.78 -4.04
CA PHE A 578 -13.72 42.63 -5.14
C PHE A 578 -14.39 42.84 -6.49
N ASN A 579 -15.71 42.66 -6.57
CA ASN A 579 -16.46 42.80 -7.81
C ASN A 579 -16.54 44.27 -8.21
N SER A 580 -15.78 44.62 -9.24
CA SER A 580 -15.85 45.93 -9.85
C SER A 580 -15.49 45.74 -11.32
N VAL A 581 -15.43 46.87 -12.04
CA VAL A 581 -15.09 46.83 -13.46
C VAL A 581 -13.64 46.40 -13.65
N ARG A 582 -12.74 47.03 -12.91
CA ARG A 582 -11.33 46.66 -12.92
C ARG A 582 -10.93 45.85 -11.68
N LYS A 583 -11.91 45.45 -10.87
CA LYS A 583 -11.78 44.47 -9.79
C LYS A 583 -10.78 44.86 -8.70
N SER A 584 -11.05 45.96 -8.01
CA SER A 584 -10.43 46.29 -6.74
C SER A 584 -11.47 46.08 -5.64
N MET A 585 -11.09 46.38 -4.39
CA MET A 585 -12.00 46.23 -3.26
C MET A 585 -11.94 47.49 -2.42
N SER A 586 -12.98 48.30 -2.48
CA SER A 586 -12.93 49.67 -2.00
C SER A 586 -13.89 49.88 -0.85
N THR A 587 -13.83 51.09 -0.28
CA THR A 587 -14.64 51.47 0.86
C THR A 587 -15.00 52.94 0.79
N VAL A 588 -16.23 53.25 1.18
CA VAL A 588 -16.73 54.62 1.30
C VAL A 588 -17.13 54.82 2.76
N LEU A 589 -16.32 55.55 3.51
CA LEU A 589 -16.60 55.75 4.93
C LEU A 589 -16.32 57.20 5.30
N LYS A 590 -16.57 57.51 6.56
CA LYS A 590 -16.42 58.87 7.05
C LYS A 590 -15.05 59.14 7.63
N TYR A 596 -16.56 61.43 4.54
CA TYR A 596 -16.55 61.15 3.11
C TYR A 596 -15.19 60.68 2.64
N ARG A 597 -14.46 59.99 3.52
CA ARG A 597 -13.13 59.50 3.19
C ARG A 597 -13.28 58.17 2.47
N ILE A 598 -13.18 58.19 1.15
CA ILE A 598 -13.34 57.02 0.31
C ILE A 598 -11.98 56.41 0.04
N PHE A 599 -11.85 55.10 0.22
CA PHE A 599 -10.56 54.45 0.03
C PHE A 599 -10.73 53.16 -0.75
N SER A 600 -9.61 52.55 -1.09
CA SER A 600 -9.57 51.40 -1.99
C SER A 600 -8.24 50.67 -1.94
N LYS A 601 -8.25 49.37 -1.68
CA LYS A 601 -7.07 48.56 -1.96
C LYS A 601 -7.06 48.21 -3.43
N GLY A 602 -5.94 47.70 -3.90
CA GLY A 602 -5.85 47.23 -5.27
C GLY A 602 -4.53 47.52 -5.94
N ALA A 603 -4.25 46.82 -7.04
CA ALA A 603 -2.89 46.68 -7.54
C ALA A 603 -2.39 47.97 -8.19
N SER A 604 -1.07 48.12 -8.15
CA SER A 604 -0.39 49.29 -8.70
C SER A 604 -0.59 49.40 -10.20
N GLU A 605 -0.47 48.30 -10.93
CA GLU A 605 -0.77 48.36 -12.36
C GLU A 605 -2.27 48.32 -12.60
N ILE A 606 -3.07 48.14 -11.54
CA ILE A 606 -4.51 48.27 -11.67
C ILE A 606 -4.99 49.65 -11.24
N ILE A 607 -4.46 50.17 -10.13
CA ILE A 607 -4.99 51.41 -9.57
C ILE A 607 -4.06 52.60 -9.77
N LEU A 608 -2.74 52.37 -9.70
CA LEU A 608 -1.76 53.44 -9.81
C LEU A 608 -1.78 54.15 -11.16
N LYS A 609 -2.35 53.51 -12.19
CA LYS A 609 -2.68 54.22 -13.42
C LYS A 609 -3.68 55.34 -13.15
N LYS A 610 -4.72 55.04 -12.36
CA LYS A 610 -5.73 56.03 -12.04
C LYS A 610 -5.26 57.07 -11.02
N CYS A 611 -4.05 56.93 -10.47
CA CYS A 611 -3.61 57.80 -9.39
C CYS A 611 -3.18 59.17 -9.90
N PHE A 612 -3.37 60.18 -9.07
CA PHE A 612 -3.18 61.57 -9.47
C PHE A 612 -2.01 62.25 -8.76
N LYS A 613 -1.73 61.91 -7.50
CA LYS A 613 -0.70 62.63 -6.77
C LYS A 613 -0.13 61.77 -5.65
N ILE A 614 1.01 62.22 -5.11
CA ILE A 614 1.82 61.50 -4.13
C ILE A 614 1.92 62.34 -2.87
N LEU A 615 1.80 61.68 -1.71
CA LEU A 615 2.03 62.32 -0.42
C LEU A 615 3.50 62.67 -0.27
N SER A 616 3.80 63.96 -0.12
CA SER A 616 5.16 64.48 -0.21
C SER A 616 5.84 64.50 1.15
N ALA A 617 6.36 63.32 1.54
CA ALA A 617 7.25 63.03 2.68
C ALA A 617 6.57 63.15 4.04
N ASN A 618 5.38 63.76 4.11
CA ASN A 618 4.35 63.35 5.06
C ASN A 618 2.98 63.09 4.39
N GLY A 619 2.40 63.99 3.55
CA GLY A 619 2.77 65.37 3.24
C GLY A 619 1.96 66.10 2.18
N GLU A 620 2.67 66.84 1.35
CA GLU A 620 2.06 67.68 0.34
C GLU A 620 1.74 66.84 -0.89
N ALA A 621 1.40 67.52 -1.98
CA ALA A 621 0.96 66.86 -3.20
C ALA A 621 1.98 67.08 -4.31
N LYS A 622 2.30 66.01 -5.03
CA LYS A 622 3.09 66.10 -6.25
C LYS A 622 2.37 65.35 -7.36
N VAL A 623 1.85 66.10 -8.33
CA VAL A 623 0.93 65.57 -9.34
C VAL A 623 1.71 64.69 -10.30
N PHE A 624 1.05 63.63 -10.79
CA PHE A 624 1.69 62.58 -11.57
C PHE A 624 2.19 63.05 -12.93
N ARG A 625 2.87 62.15 -13.62
CA ARG A 625 3.41 62.29 -14.95
C ARG A 625 3.84 60.88 -15.36
N PRO A 626 4.30 60.66 -16.60
CA PRO A 626 5.16 59.49 -16.84
C PRO A 626 6.54 59.60 -16.19
N ARG A 627 6.87 60.73 -15.54
CA ARG A 627 7.91 60.77 -14.53
C ARG A 627 7.68 59.72 -13.46
N ASP A 628 6.44 59.58 -12.98
CA ASP A 628 6.14 58.52 -12.03
C ASP A 628 6.17 57.16 -12.71
N ARG A 629 5.67 57.08 -13.94
CA ARG A 629 5.44 55.79 -14.59
C ARG A 629 6.74 55.17 -15.07
N ASP A 630 7.78 55.99 -15.26
CA ASP A 630 9.08 55.45 -15.65
C ASP A 630 10.13 55.61 -14.54
N ASP A 631 9.99 56.63 -13.70
CA ASP A 631 11.01 56.91 -12.71
C ASP A 631 10.72 56.21 -11.40
N ILE A 632 9.44 55.89 -11.15
CA ILE A 632 9.02 55.18 -9.95
C ILE A 632 8.45 53.82 -10.27
N VAL A 633 7.54 53.74 -11.24
CA VAL A 633 6.94 52.46 -11.58
C VAL A 633 7.95 51.55 -12.26
N LYS A 634 8.91 52.13 -12.97
CA LYS A 634 9.94 51.29 -13.58
C LYS A 634 11.23 51.31 -12.79
N THR A 635 11.72 52.49 -12.47
CA THR A 635 13.09 52.62 -11.97
C THR A 635 13.11 52.37 -10.46
N VAL A 636 11.93 52.34 -9.82
CA VAL A 636 11.85 52.09 -8.38
C VAL A 636 10.98 50.89 -8.03
N ILE A 637 9.83 50.70 -8.67
CA ILE A 637 8.95 49.57 -8.38
C ILE A 637 9.50 48.26 -8.93
N GLU A 638 9.87 48.23 -10.21
CA GLU A 638 10.46 47.02 -10.78
C GLU A 638 11.75 46.54 -10.11
N PRO A 639 12.61 47.38 -9.49
CA PRO A 639 13.68 46.80 -8.66
C PRO A 639 13.24 46.31 -7.29
N MET A 640 11.97 45.92 -7.15
CA MET A 640 11.48 45.12 -6.04
C MET A 640 12.30 43.82 -5.93
N ALA A 641 12.09 43.11 -4.81
CA ALA A 641 12.96 42.08 -4.24
C ALA A 641 13.54 41.09 -5.23
N SER A 642 12.68 40.31 -5.89
CA SER A 642 13.16 39.62 -7.08
C SER A 642 12.16 39.43 -8.26
N GLU A 643 11.11 40.23 -8.49
CA GLU A 643 10.68 41.53 -7.99
C GLU A 643 9.36 41.41 -7.27
N GLY A 644 9.25 40.38 -6.44
CA GLY A 644 7.97 40.09 -5.82
C GLY A 644 7.75 40.88 -4.54
N LEU A 645 6.49 41.03 -4.15
CA LEU A 645 5.35 40.37 -4.80
C LEU A 645 4.15 41.32 -4.89
N ARG A 646 3.18 40.90 -5.73
CA ARG A 646 1.74 41.21 -5.66
C ARG A 646 1.40 42.59 -5.11
N THR A 647 1.90 43.60 -5.81
CA THR A 647 1.80 44.97 -5.35
C THR A 647 0.35 45.43 -5.32
N ILE A 648 -0.03 46.14 -4.25
CA ILE A 648 -1.24 46.94 -4.16
C ILE A 648 -0.87 48.32 -3.64
N CYS A 649 -1.87 49.19 -3.47
CA CYS A 649 -1.63 50.60 -3.19
C CYS A 649 -2.27 51.12 -1.90
N LEU A 650 -3.48 50.67 -1.57
CA LEU A 650 -4.34 51.25 -0.53
C LEU A 650 -4.58 52.73 -0.81
N ALA A 651 -5.33 52.97 -1.88
CA ALA A 651 -5.40 54.28 -2.50
C ALA A 651 -6.49 55.17 -1.90
N PHE A 652 -6.18 56.45 -1.80
CA PHE A 652 -7.13 57.53 -1.57
C PHE A 652 -7.97 57.73 -2.83
N ARG A 653 -9.16 58.31 -2.68
CA ARG A 653 -10.05 58.52 -3.81
C ARG A 653 -10.29 59.98 -4.15
N ASP A 654 -10.87 60.75 -3.24
CA ASP A 654 -11.31 62.14 -3.52
C ASP A 654 -11.37 62.98 -2.27
N GLY A 673 -8.34 60.20 -11.02
CA GLY A 673 -7.96 61.14 -9.98
C GLY A 673 -7.97 60.53 -8.59
N LEU A 674 -6.78 60.24 -8.07
CA LEU A 674 -6.61 59.56 -6.79
C LEU A 674 -5.48 60.21 -6.00
N THR A 675 -4.95 59.52 -5.00
CA THR A 675 -3.75 59.97 -4.31
C THR A 675 -2.96 58.76 -3.81
N CYS A 676 -1.68 58.74 -4.15
CA CYS A 676 -0.77 57.65 -3.77
C CYS A 676 -0.46 57.67 -2.29
N ILE A 677 -1.15 56.87 -1.49
CA ILE A 677 -0.88 56.80 -0.06
C ILE A 677 0.47 56.12 0.15
N ALA A 678 0.58 54.89 -0.32
CA ALA A 678 1.82 54.13 -0.28
C ALA A 678 1.70 53.02 -1.31
N VAL A 679 2.62 52.06 -1.32
CA VAL A 679 2.21 50.82 -1.96
C VAL A 679 2.36 49.59 -1.06
N VAL A 680 3.56 49.00 -1.00
CA VAL A 680 3.74 47.62 -0.52
C VAL A 680 5.21 47.36 -0.28
N GLY A 681 5.49 46.27 0.41
CA GLY A 681 6.43 45.28 -0.11
C GLY A 681 5.99 43.92 0.40
N ILE A 682 5.64 42.99 -0.47
CA ILE A 682 4.97 41.75 -0.05
C ILE A 682 5.84 40.56 -0.42
N GLU A 683 5.91 39.60 0.50
CA GLU A 683 6.72 38.40 0.32
C GLU A 683 6.01 37.27 1.06
N ASP A 684 5.82 36.15 0.37
CA ASP A 684 5.47 34.93 1.08
C ASP A 684 6.68 34.04 1.17
N PRO A 685 6.88 33.32 2.26
CA PRO A 685 8.09 32.50 2.38
C PRO A 685 7.89 31.16 1.69
N VAL A 686 8.87 30.79 0.89
CA VAL A 686 9.01 29.42 0.48
C VAL A 686 9.21 28.57 1.72
N ARG A 687 8.58 27.38 1.75
CA ARG A 687 8.81 26.40 2.80
C ARG A 687 10.29 26.05 2.90
N PRO A 688 10.78 25.73 4.10
CA PRO A 688 12.20 25.39 4.24
C PRO A 688 12.60 24.08 3.57
N GLU A 689 11.66 23.24 3.17
CA GLU A 689 11.96 21.94 2.59
C GLU A 689 11.90 21.93 1.08
N VAL A 690 11.19 22.88 0.48
CA VAL A 690 10.96 22.99 -0.96
C VAL A 690 12.22 23.00 -1.81
N PRO A 691 13.27 23.82 -1.57
CA PRO A 691 14.41 23.79 -2.50
C PRO A 691 15.22 22.53 -2.43
N ASP A 692 15.09 21.77 -1.33
CA ASP A 692 15.59 20.41 -1.32
C ASP A 692 14.65 19.49 -2.09
N ALA A 693 13.34 19.70 -1.91
CA ALA A 693 12.35 18.76 -2.43
C ALA A 693 12.31 18.78 -3.94
N ILE A 694 12.38 19.96 -4.54
CA ILE A 694 12.34 20.07 -5.99
C ILE A 694 13.61 19.50 -6.61
N LYS A 695 14.74 19.64 -5.92
CA LYS A 695 15.97 19.05 -6.42
C LYS A 695 15.93 17.54 -6.34
N LYS A 696 15.42 17.00 -5.23
CA LYS A 696 15.30 15.56 -5.05
C LYS A 696 14.33 14.97 -6.05
N CYS A 697 13.30 15.72 -6.40
CA CYS A 697 12.35 15.25 -7.40
C CYS A 697 12.93 15.40 -8.80
N GLN A 698 13.65 16.49 -9.04
CA GLN A 698 14.22 16.86 -10.33
C GLN A 698 15.24 15.84 -10.79
N ARG A 699 16.00 15.30 -9.84
CA ARG A 699 16.92 14.21 -10.17
C ARG A 699 16.18 12.94 -10.57
N ALA A 700 14.94 12.77 -10.11
CA ALA A 700 14.20 11.55 -10.38
C ALA A 700 13.44 11.59 -11.69
N GLY A 701 13.81 12.49 -12.60
CA GLY A 701 13.21 12.52 -13.92
C GLY A 701 11.97 13.38 -14.04
N ILE A 702 11.28 13.61 -12.94
CA ILE A 702 10.05 14.40 -12.94
C ILE A 702 10.37 15.87 -13.14
N THR A 703 9.80 16.48 -14.16
CA THR A 703 10.03 17.88 -14.45
C THR A 703 8.85 18.71 -13.95
N VAL A 704 9.07 19.44 -12.86
CA VAL A 704 8.03 20.30 -12.31
C VAL A 704 7.74 21.45 -13.25
N ARG A 705 6.45 21.73 -13.47
CA ARG A 705 6.05 22.85 -14.32
C ARG A 705 5.03 23.68 -13.56
N MET A 706 5.47 24.81 -13.00
CA MET A 706 4.55 25.63 -12.23
C MET A 706 3.59 26.37 -13.14
N VAL A 707 2.31 26.31 -12.79
CA VAL A 707 1.25 27.06 -13.47
C VAL A 707 0.46 27.82 -12.42
N THR A 708 0.26 29.12 -12.64
CA THR A 708 -0.55 29.89 -11.71
C THR A 708 -1.26 31.00 -12.46
N GLY A 709 -2.24 31.60 -11.77
CA GLY A 709 -2.81 32.83 -12.27
C GLY A 709 -2.19 34.00 -11.53
N ASP A 710 -1.17 34.62 -12.13
CA ASP A 710 -0.35 35.59 -11.43
C ASP A 710 0.47 36.35 -12.46
N ASN A 711 1.05 37.47 -12.04
CA ASN A 711 1.61 38.39 -13.02
C ASN A 711 2.79 39.16 -12.46
N ILE A 712 3.89 39.24 -13.23
CA ILE A 712 4.25 38.32 -14.30
C ILE A 712 5.62 37.84 -13.86
N ASN A 713 6.40 38.82 -13.41
CA ASN A 713 7.71 38.60 -12.85
C ASN A 713 7.68 37.82 -11.54
N THR A 714 6.52 37.78 -10.89
CA THR A 714 6.36 37.11 -9.62
C THR A 714 6.67 35.62 -9.72
N ALA A 715 6.16 34.99 -10.77
CA ALA A 715 6.42 33.59 -10.99
C ALA A 715 7.88 33.35 -11.32
N ARG A 716 8.51 34.30 -12.01
CA ARG A 716 9.96 34.20 -12.27
C ARG A 716 10.75 34.27 -10.98
N ALA A 717 10.33 35.14 -10.07
CA ALA A 717 10.97 35.26 -8.76
C ALA A 717 10.91 33.96 -8.00
N ILE A 718 9.70 33.38 -7.89
CA ILE A 718 9.57 32.18 -7.09
C ILE A 718 10.16 30.98 -7.81
N ALA A 719 10.23 31.04 -9.15
CA ALA A 719 10.83 29.96 -9.91
C ALA A 719 12.34 29.89 -9.68
N THR A 720 13.02 31.04 -9.82
CA THR A 720 14.47 31.01 -9.61
C THR A 720 14.82 30.90 -8.15
N LYS A 721 13.95 31.35 -7.25
CA LYS A 721 14.23 31.21 -5.84
C LYS A 721 14.01 29.80 -5.34
N CYS A 722 13.10 29.04 -5.98
CA CYS A 722 12.87 27.65 -5.64
C CYS A 722 13.80 26.70 -6.36
N GLY A 723 14.24 27.04 -7.55
CA GLY A 723 15.16 26.18 -8.28
C GLY A 723 14.55 25.50 -9.50
N ILE A 724 13.36 25.88 -9.94
CA ILE A 724 12.83 25.33 -11.18
C ILE A 724 13.62 25.88 -12.36
N LEU A 725 13.57 27.19 -12.55
CA LEU A 725 14.36 27.83 -13.59
C LEU A 725 15.79 27.92 -13.09
N HIS A 726 16.57 26.90 -13.38
CA HIS A 726 18.01 27.02 -13.24
C HIS A 726 18.51 28.04 -14.25
N PRO A 727 19.06 29.16 -13.82
CA PRO A 727 19.29 30.28 -14.75
C PRO A 727 20.57 30.15 -15.57
N GLY A 728 20.82 28.95 -16.09
CA GLY A 728 21.90 28.78 -17.02
C GLY A 728 21.45 29.05 -18.44
N GLU A 729 20.51 28.24 -18.94
CA GLU A 729 20.08 28.36 -20.32
C GLU A 729 18.60 28.67 -20.39
N ASP A 730 17.73 27.86 -19.80
CA ASP A 730 16.47 27.51 -20.41
C ASP A 730 15.53 26.86 -19.38
N PHE A 731 14.25 27.21 -19.41
CA PHE A 731 13.57 27.95 -20.48
C PHE A 731 12.74 29.17 -20.09
N LEU A 732 11.88 29.57 -21.03
CA LEU A 732 11.16 30.84 -21.00
C LEU A 732 9.76 30.65 -20.41
N CYS A 733 9.24 31.77 -19.90
CA CYS A 733 7.97 31.87 -19.23
C CYS A 733 6.89 32.32 -20.21
N LEU A 734 5.78 32.82 -19.67
CA LEU A 734 4.69 33.36 -20.46
C LEU A 734 4.15 34.63 -19.81
N GLU A 735 3.31 35.35 -20.53
CA GLU A 735 2.54 36.46 -19.95
C GLU A 735 1.13 36.06 -19.56
N GLY A 736 0.60 34.95 -20.07
CA GLY A 736 -0.79 34.58 -19.90
C GLY A 736 -1.62 34.57 -21.16
N LYS A 737 -1.31 35.47 -22.09
CA LYS A 737 -2.09 35.59 -23.31
C LYS A 737 -1.50 34.75 -24.44
N ASP A 738 -0.18 34.58 -24.44
CA ASP A 738 0.51 34.08 -25.61
C ASP A 738 0.31 32.59 -25.83
N PHE A 739 -0.03 31.84 -24.77
CA PHE A 739 -0.27 30.41 -24.92
C PHE A 739 -1.54 30.15 -25.70
N ASN A 740 -2.50 31.07 -25.62
CA ASN A 740 -3.65 31.03 -26.50
C ASN A 740 -3.32 31.52 -27.89
N ARG A 741 -2.19 32.21 -28.06
CA ARG A 741 -1.80 32.71 -29.37
C ARG A 741 -0.91 31.74 -30.12
N ARG A 742 -0.56 30.61 -29.52
CA ARG A 742 0.51 29.78 -30.01
C ARG A 742 0.10 28.30 -29.93
N ILE A 743 -0.94 27.91 -30.68
CA ILE A 743 -1.30 28.52 -31.96
C ILE A 743 -2.78 28.24 -32.22
N ARG A 744 -3.39 29.02 -33.11
CA ARG A 744 -4.74 28.80 -33.62
C ARG A 744 -4.77 29.20 -35.09
N ASN A 745 -4.88 28.23 -35.99
CA ASN A 745 -5.00 28.51 -37.42
C ASN A 745 -6.01 27.54 -38.03
N GLU A 746 -7.29 27.92 -38.09
CA GLU A 746 -7.77 29.19 -37.56
C GLU A 746 -8.83 28.93 -36.51
N LYS A 747 -8.37 29.03 -35.26
CA LYS A 747 -9.16 28.78 -34.05
C LYS A 747 -9.79 27.39 -34.03
N GLY A 748 -8.97 26.35 -33.94
CA GLY A 748 -7.55 26.39 -33.67
C GLY A 748 -7.14 25.36 -32.65
N GLU A 749 -6.11 25.72 -31.87
CA GLU A 749 -5.49 24.85 -30.86
C GLU A 749 -5.02 23.57 -31.54
N ILE A 750 -4.17 23.75 -32.56
CA ILE A 750 -3.71 22.65 -33.38
C ILE A 750 -2.76 21.78 -32.60
N GLU A 751 -3.11 20.51 -32.47
CA GLU A 751 -2.31 19.62 -31.64
C GLU A 751 -1.00 19.28 -32.28
N GLN A 752 -0.88 19.48 -33.60
CA GLN A 752 0.43 19.33 -34.24
C GLN A 752 1.43 20.31 -33.65
N GLU A 753 1.12 21.60 -33.72
CA GLU A 753 2.04 22.61 -33.21
C GLU A 753 2.07 22.64 -31.68
N ARG A 754 0.95 22.40 -31.01
CA ARG A 754 0.95 22.47 -29.55
C ARG A 754 1.66 21.27 -28.94
N ILE A 755 1.46 20.08 -29.50
CA ILE A 755 2.22 18.89 -29.11
C ILE A 755 3.69 19.09 -29.44
N ASP A 756 4.01 19.71 -30.57
CA ASP A 756 5.40 20.03 -30.83
C ASP A 756 5.91 21.13 -29.92
N LYS A 757 5.20 22.26 -29.85
CA LYS A 757 5.78 23.51 -29.39
C LYS A 757 4.82 24.16 -28.41
N ILE A 758 5.36 24.87 -27.42
CA ILE A 758 6.76 24.84 -27.11
C ILE A 758 6.78 23.87 -25.97
N TRP A 759 7.34 22.71 -26.23
CA TRP A 759 7.08 21.63 -25.30
C TRP A 759 7.88 21.62 -24.01
N PRO A 760 9.25 21.59 -24.01
CA PRO A 760 9.91 21.42 -22.72
C PRO A 760 10.19 22.77 -22.11
N LYS A 761 9.56 23.80 -22.65
CA LYS A 761 9.93 25.15 -22.36
C LYS A 761 9.03 25.83 -21.35
N LEU A 762 7.77 25.44 -21.29
CA LEU A 762 6.88 26.06 -20.33
C LEU A 762 7.15 25.42 -18.98
N ARG A 763 8.09 26.01 -18.25
CA ARG A 763 8.24 25.74 -16.83
C ARG A 763 7.47 26.74 -16.00
N VAL A 764 7.07 27.85 -16.58
CA VAL A 764 6.24 28.82 -15.89
C VAL A 764 5.13 29.23 -16.83
N LEU A 765 3.89 29.14 -16.37
CA LEU A 765 2.74 29.49 -17.17
C LEU A 765 1.94 30.46 -16.32
N ALA A 766 2.38 31.71 -16.30
CA ALA A 766 1.80 32.69 -15.41
C ALA A 766 0.55 33.29 -16.03
N ARG A 767 -0.28 33.89 -15.17
CA ARG A 767 -1.58 34.47 -15.50
C ARG A 767 -2.43 33.47 -16.26
N SER A 768 -2.69 32.34 -15.63
CA SER A 768 -3.41 31.30 -16.31
C SER A 768 -4.91 31.55 -16.28
N SER A 769 -5.62 30.66 -16.94
CA SER A 769 -7.01 30.37 -16.68
C SER A 769 -7.10 28.89 -16.32
N PRO A 770 -8.18 28.46 -15.69
CA PRO A 770 -8.42 27.01 -15.62
C PRO A 770 -8.54 26.37 -16.99
N THR A 771 -9.09 27.12 -17.95
CA THR A 771 -9.08 26.68 -19.34
C THR A 771 -7.67 26.59 -19.89
N ASP A 772 -6.76 27.46 -19.44
CA ASP A 772 -5.38 27.41 -19.91
C ASP A 772 -4.65 26.18 -19.39
N LYS A 773 -4.81 25.90 -18.09
CA LYS A 773 -4.26 24.69 -17.52
C LYS A 773 -4.85 23.46 -18.18
N HIS A 774 -6.13 23.50 -18.50
CA HIS A 774 -6.76 22.40 -19.22
C HIS A 774 -6.20 22.22 -20.61
N THR A 775 -5.93 23.31 -21.31
CA THR A 775 -5.31 23.23 -22.62
C THR A 775 -3.92 22.63 -22.55
N LEU A 776 -3.14 23.03 -21.55
CA LEU A 776 -1.79 22.48 -21.37
C LEU A 776 -1.82 20.99 -21.09
N VAL A 777 -2.58 20.58 -20.07
CA VAL A 777 -2.59 19.18 -19.68
C VAL A 777 -3.25 18.32 -20.73
N LYS A 778 -4.24 18.85 -21.44
CA LYS A 778 -4.80 18.13 -22.58
C LYS A 778 -3.78 18.00 -23.70
N GLY A 779 -2.90 18.99 -23.83
CA GLY A 779 -1.82 18.87 -24.79
C GLY A 779 -0.78 17.86 -24.39
N ILE A 780 -0.55 17.69 -23.09
CA ILE A 780 0.54 16.81 -22.67
C ILE A 780 0.23 15.35 -22.88
N ILE A 781 -0.86 14.84 -22.33
CA ILE A 781 -1.19 13.43 -22.41
C ILE A 781 -1.78 13.24 -23.80
N ASP A 782 -0.92 13.04 -24.79
CA ASP A 782 -1.32 12.87 -26.18
C ASP A 782 -0.30 12.00 -26.89
N SER A 783 -0.62 11.66 -28.13
CA SER A 783 0.36 11.08 -29.04
C SER A 783 1.35 12.16 -29.41
N THR A 784 2.58 12.01 -28.93
CA THR A 784 3.57 13.08 -28.94
C THR A 784 4.86 12.49 -29.50
N VAL A 785 5.96 13.20 -29.28
CA VAL A 785 7.24 12.87 -29.89
C VAL A 785 7.79 11.55 -29.36
N SER A 786 8.12 11.50 -28.07
CA SER A 786 9.08 10.51 -27.57
C SER A 786 8.53 9.10 -27.45
N ASP A 787 7.21 8.93 -27.57
CA ASP A 787 6.49 7.65 -27.58
C ASP A 787 6.58 6.90 -26.25
N GLN A 788 7.27 7.47 -25.26
CA GLN A 788 7.15 7.09 -23.87
C GLN A 788 6.18 7.98 -23.14
N ARG A 789 5.80 9.08 -23.74
CA ARG A 789 5.25 10.21 -23.01
C ARG A 789 3.77 10.02 -22.74
N GLN A 790 3.26 10.58 -21.63
CA GLN A 790 3.91 10.90 -20.35
C GLN A 790 2.80 10.59 -19.36
N VAL A 791 3.05 10.73 -18.06
CA VAL A 791 2.00 10.56 -17.06
C VAL A 791 2.13 11.69 -16.05
N VAL A 792 1.10 12.53 -15.96
CA VAL A 792 1.21 13.82 -15.31
C VAL A 792 0.42 13.79 -14.00
N ALA A 793 0.85 14.60 -13.04
CA ALA A 793 0.12 14.77 -11.80
C ALA A 793 -0.15 16.25 -11.58
N VAL A 794 -1.34 16.69 -11.91
CA VAL A 794 -1.69 18.09 -11.78
C VAL A 794 -2.21 18.32 -10.38
N THR A 795 -1.99 19.49 -9.81
CA THR A 795 -2.67 19.85 -8.57
C THR A 795 -3.77 20.85 -8.88
N GLY A 796 -4.43 21.38 -7.86
CA GLY A 796 -5.40 22.43 -8.14
C GLY A 796 -6.68 22.34 -7.36
N ASP A 797 -7.20 23.48 -6.92
CA ASP A 797 -8.37 23.47 -6.06
C ASP A 797 -9.32 24.63 -6.35
N GLY A 798 -9.41 25.09 -7.58
CA GLY A 798 -10.43 26.05 -7.93
C GLY A 798 -11.77 25.38 -8.12
N THR A 799 -12.81 26.20 -8.19
CA THR A 799 -14.14 25.66 -8.47
C THR A 799 -14.22 25.15 -9.90
N ASN A 800 -13.56 25.82 -10.82
CA ASN A 800 -13.59 25.49 -12.23
C ASN A 800 -12.56 24.45 -12.61
N ASP A 801 -11.98 23.74 -11.63
CA ASP A 801 -10.95 22.75 -11.91
C ASP A 801 -11.54 21.38 -12.17
N GLY A 802 -12.73 21.32 -12.73
CA GLY A 802 -13.34 20.07 -13.10
C GLY A 802 -12.60 19.30 -14.16
N PRO A 803 -12.60 19.78 -15.41
CA PRO A 803 -12.15 18.93 -16.53
C PRO A 803 -10.66 18.63 -16.55
N ALA A 804 -9.85 19.64 -16.23
CA ALA A 804 -8.40 19.50 -16.31
C ALA A 804 -7.89 18.48 -15.31
N LEU A 805 -8.29 18.64 -14.06
CA LEU A 805 -7.97 17.69 -13.02
C LEU A 805 -8.57 16.31 -13.29
N LYS A 806 -9.66 16.25 -14.05
CA LYS A 806 -10.28 14.99 -14.38
C LYS A 806 -9.51 14.24 -15.46
N LYS A 807 -9.00 14.96 -16.46
CA LYS A 807 -8.35 14.31 -17.60
C LYS A 807 -7.00 13.71 -17.23
N ALA A 808 -6.23 14.38 -16.39
CA ALA A 808 -4.89 13.95 -16.03
C ALA A 808 -4.91 12.61 -15.32
N ASP A 809 -3.77 11.93 -15.34
CA ASP A 809 -3.77 10.54 -14.92
C ASP A 809 -3.88 10.39 -13.42
N VAL A 810 -3.29 11.31 -12.66
CA VAL A 810 -3.40 11.30 -11.20
C VAL A 810 -3.68 12.72 -10.75
N GLY A 811 -4.80 12.92 -10.08
CA GLY A 811 -5.13 14.24 -9.58
C GLY A 811 -4.44 14.53 -8.28
N PHE A 812 -4.55 15.77 -7.85
CA PHE A 812 -4.21 16.15 -6.48
C PHE A 812 -5.08 17.32 -6.10
N ALA A 813 -5.41 17.40 -4.81
CA ALA A 813 -6.29 18.46 -4.36
C ALA A 813 -5.85 18.90 -3.00
N MET A 814 -5.78 20.22 -2.80
CA MET A 814 -5.44 20.76 -1.49
C MET A 814 -6.55 20.47 -0.50
N GLY A 815 -6.21 20.49 0.78
CA GLY A 815 -7.18 20.06 1.77
C GLY A 815 -7.21 20.91 3.02
N ILE A 816 -6.57 22.08 2.98
CA ILE A 816 -6.76 23.05 4.02
C ILE A 816 -7.74 24.08 3.50
N ALA A 817 -7.37 24.77 2.43
CA ALA A 817 -8.25 25.72 1.78
C ALA A 817 -8.47 25.18 0.39
N GLY A 818 -9.40 24.25 0.29
CA GLY A 818 -9.67 23.59 -0.97
C GLY A 818 -11.12 23.23 -1.10
N THR A 819 -11.74 23.68 -2.18
CA THR A 819 -13.17 23.56 -2.31
C THR A 819 -13.57 22.12 -2.63
N ASP A 820 -14.84 21.82 -2.40
CA ASP A 820 -15.27 20.42 -2.37
C ASP A 820 -15.54 19.85 -3.73
N VAL A 821 -15.81 20.69 -4.73
CA VAL A 821 -15.87 20.23 -6.09
C VAL A 821 -14.51 19.69 -6.53
N ALA A 822 -13.43 20.32 -6.12
CA ALA A 822 -12.11 19.81 -6.40
C ALA A 822 -11.83 18.48 -5.72
N LYS A 823 -12.35 18.26 -4.52
CA LYS A 823 -12.11 16.99 -3.87
C LYS A 823 -12.95 15.88 -4.48
N GLU A 824 -14.20 16.16 -4.87
CA GLU A 824 -15.01 15.08 -5.42
C GLU A 824 -14.55 14.66 -6.79
N ALA A 825 -13.88 15.54 -7.53
CA ALA A 825 -13.35 15.15 -8.81
C ALA A 825 -11.92 14.65 -8.74
N SER A 826 -11.32 14.67 -7.56
CA SER A 826 -9.90 14.41 -7.37
C SER A 826 -9.56 12.94 -7.47
N ASP A 827 -8.33 12.64 -7.08
CA ASP A 827 -7.89 11.27 -6.86
C ASP A 827 -7.13 11.11 -5.58
N ILE A 828 -6.43 12.13 -5.11
CA ILE A 828 -5.73 12.10 -3.84
C ILE A 828 -5.97 13.43 -3.14
N ILE A 829 -6.43 13.39 -1.91
CA ILE A 829 -6.49 14.60 -1.12
C ILE A 829 -5.22 14.70 -0.32
N LEU A 830 -4.56 15.85 -0.38
CA LEU A 830 -3.47 16.17 0.53
C LEU A 830 -4.06 16.83 1.76
N THR A 831 -3.44 16.63 2.91
CA THR A 831 -4.06 17.20 4.10
C THR A 831 -3.38 18.45 4.62
N ASP A 832 -2.11 18.68 4.27
CA ASP A 832 -1.43 19.89 4.69
C ASP A 832 -0.68 20.59 3.57
N ASP A 833 -1.02 20.29 2.33
CA ASP A 833 -0.70 21.07 1.14
C ASP A 833 0.78 21.09 0.77
N ASN A 834 1.63 20.38 1.48
CA ASN A 834 3.06 20.52 1.25
C ASN A 834 3.44 19.81 -0.04
N PHE A 835 4.30 20.43 -0.84
CA PHE A 835 4.80 19.81 -2.05
C PHE A 835 5.68 18.60 -1.74
N THR A 836 6.28 18.59 -0.55
CA THR A 836 7.00 17.42 -0.09
C THR A 836 6.08 16.22 0.08
N SER A 837 4.79 16.46 0.30
CA SER A 837 3.86 15.34 0.31
C SER A 837 3.65 14.77 -1.08
N ILE A 838 3.78 15.58 -2.12
CA ILE A 838 3.78 14.98 -3.45
C ILE A 838 5.03 14.16 -3.66
N VAL A 839 6.16 14.59 -3.10
CA VAL A 839 7.38 13.79 -3.17
C VAL A 839 7.21 12.46 -2.45
N LYS A 840 6.59 12.49 -1.26
CA LYS A 840 6.32 11.25 -0.56
C LYS A 840 5.30 10.37 -1.28
N ALA A 841 4.39 10.95 -2.03
CA ALA A 841 3.50 10.13 -2.84
C ALA A 841 4.24 9.46 -3.98
N VAL A 842 5.19 10.15 -4.59
CA VAL A 842 6.03 9.53 -5.63
C VAL A 842 6.85 8.39 -5.04
N MET A 843 7.32 8.59 -3.80
CA MET A 843 8.05 7.53 -3.10
C MET A 843 7.18 6.29 -2.90
N TRP A 844 5.95 6.46 -2.42
CA TRP A 844 5.09 5.30 -2.21
C TRP A 844 4.68 4.63 -3.51
N GLY A 845 4.51 5.40 -4.57
CA GLY A 845 4.21 4.81 -5.85
C GLY A 845 5.36 4.00 -6.41
N ARG A 846 6.59 4.43 -6.13
CA ARG A 846 7.72 3.55 -6.39
C ARG A 846 7.63 2.29 -5.57
N ASN A 847 7.22 2.43 -4.31
CA ASN A 847 7.33 1.34 -3.36
C ASN A 847 6.42 0.18 -3.69
N VAL A 848 5.23 0.46 -4.22
CA VAL A 848 4.31 -0.63 -4.57
C VAL A 848 4.86 -1.47 -5.72
N TYR A 849 5.32 -0.80 -6.77
CA TYR A 849 5.87 -1.54 -7.90
C TYR A 849 7.20 -2.22 -7.58
N ASP A 850 7.96 -1.74 -6.60
CA ASP A 850 9.07 -2.61 -6.24
C ASP A 850 8.64 -3.77 -5.35
N SER A 851 7.63 -3.57 -4.51
CA SER A 851 7.24 -4.62 -3.59
C SER A 851 6.60 -5.79 -4.30
N ILE A 852 6.01 -5.55 -5.47
CA ILE A 852 5.45 -6.65 -6.26
C ILE A 852 6.54 -7.61 -6.69
N SER A 853 7.59 -7.11 -7.35
CA SER A 853 8.64 -8.02 -7.79
C SER A 853 9.48 -8.52 -6.62
N LYS A 854 9.51 -7.78 -5.52
CA LYS A 854 10.21 -8.28 -4.36
C LYS A 854 9.48 -9.44 -3.74
N PHE A 855 8.17 -9.47 -3.86
CA PHE A 855 7.44 -10.70 -3.58
C PHE A 855 7.72 -11.76 -4.63
N LEU A 856 7.79 -11.36 -5.88
CA LEU A 856 7.73 -12.30 -6.96
C LEU A 856 8.99 -13.12 -7.11
N GLN A 857 10.15 -12.60 -6.73
CA GLN A 857 11.33 -13.43 -6.91
C GLN A 857 11.36 -14.55 -5.88
N PHE A 858 10.81 -14.30 -4.69
CA PHE A 858 10.70 -15.35 -3.70
C PHE A 858 9.73 -16.41 -4.15
N GLN A 859 8.59 -15.98 -4.67
CA GLN A 859 7.59 -16.94 -5.05
C GLN A 859 8.02 -17.76 -6.26
N LEU A 860 8.77 -17.15 -7.16
CA LEU A 860 9.20 -17.85 -8.36
C LEU A 860 10.32 -18.83 -8.03
N THR A 861 11.16 -18.47 -7.06
CA THR A 861 12.20 -19.39 -6.59
C THR A 861 11.62 -20.64 -5.95
N VAL A 862 10.66 -20.48 -5.05
CA VAL A 862 10.06 -21.66 -4.43
C VAL A 862 9.35 -22.52 -5.46
N ASN A 863 8.72 -21.91 -6.46
CA ASN A 863 8.06 -22.72 -7.49
C ASN A 863 9.05 -23.55 -8.28
N VAL A 864 10.16 -22.95 -8.74
CA VAL A 864 11.13 -23.70 -9.54
C VAL A 864 11.75 -24.84 -8.75
N VAL A 865 12.13 -24.57 -7.49
CA VAL A 865 12.82 -25.60 -6.73
C VAL A 865 11.88 -26.75 -6.37
N ALA A 866 10.64 -26.44 -5.99
CA ALA A 866 9.71 -27.50 -5.64
C ALA A 866 9.35 -28.36 -6.85
N VAL A 867 9.21 -27.74 -8.02
CA VAL A 867 8.83 -28.52 -9.19
C VAL A 867 9.95 -29.41 -9.66
N ILE A 868 11.19 -28.91 -9.69
CA ILE A 868 12.29 -29.76 -10.14
C ILE A 868 12.59 -30.88 -9.15
N VAL A 869 12.49 -30.61 -7.83
CA VAL A 869 12.67 -31.68 -6.85
C VAL A 869 11.62 -32.75 -7.01
N ALA A 870 10.34 -32.37 -7.18
CA ALA A 870 9.28 -33.35 -7.35
C ALA A 870 9.48 -34.17 -8.63
N PHE A 871 9.81 -33.51 -9.74
CA PHE A 871 9.97 -34.22 -11.01
C PHE A 871 11.16 -35.15 -11.00
N THR A 872 12.34 -34.66 -10.64
CA THR A 872 13.53 -35.49 -10.76
C THR A 872 13.59 -36.57 -9.68
N GLY A 873 13.24 -36.25 -8.44
CA GLY A 873 13.11 -37.28 -7.43
C GLY A 873 12.07 -38.31 -7.80
N ALA A 874 11.01 -37.90 -8.48
CA ALA A 874 10.01 -38.85 -8.89
C ALA A 874 10.41 -39.61 -10.15
N CYS A 875 11.42 -39.13 -10.88
CA CYS A 875 11.86 -39.90 -12.03
C CYS A 875 12.93 -40.92 -11.68
N ILE A 876 13.84 -40.61 -10.75
CA ILE A 876 14.76 -41.67 -10.36
C ILE A 876 14.08 -42.68 -9.44
N THR A 877 13.70 -42.31 -8.23
CA THR A 877 12.96 -43.27 -7.44
C THR A 877 11.48 -43.09 -7.76
N GLN A 878 10.65 -44.01 -7.31
CA GLN A 878 9.27 -44.07 -7.76
C GLN A 878 8.33 -43.23 -6.90
N ASP A 879 8.81 -42.12 -6.33
CA ASP A 879 7.99 -41.21 -5.55
C ASP A 879 8.70 -39.87 -5.47
N SER A 880 7.96 -38.82 -5.12
CA SER A 880 8.54 -37.55 -4.75
C SER A 880 8.86 -37.57 -3.27
N PRO A 881 9.95 -36.93 -2.85
CA PRO A 881 10.32 -36.97 -1.43
C PRO A 881 9.48 -36.09 -0.54
N LEU A 882 8.74 -35.14 -1.07
CA LEU A 882 7.90 -34.30 -0.23
C LEU A 882 6.50 -34.89 -0.24
N LYS A 883 6.06 -35.40 0.90
CA LYS A 883 4.75 -36.00 1.01
C LYS A 883 3.66 -34.93 0.99
N ALA A 884 2.41 -35.38 0.91
CA ALA A 884 1.35 -34.53 0.43
C ALA A 884 0.83 -33.52 1.44
N VAL A 885 1.24 -33.58 2.70
CA VAL A 885 0.83 -32.59 3.66
C VAL A 885 1.83 -31.46 3.76
N GLN A 886 3.10 -31.81 3.90
CA GLN A 886 4.14 -30.81 3.95
C GLN A 886 4.32 -30.08 2.63
N MET A 887 3.86 -30.64 1.51
CA MET A 887 3.77 -29.85 0.30
C MET A 887 2.73 -28.74 0.45
N LEU A 888 1.60 -29.03 1.11
CA LEU A 888 0.67 -27.95 1.41
C LEU A 888 1.23 -26.98 2.42
N TRP A 889 2.10 -27.43 3.30
CA TRP A 889 2.77 -26.48 4.18
C TRP A 889 3.72 -25.57 3.42
N VAL A 890 4.42 -26.06 2.42
CA VAL A 890 5.21 -25.18 1.56
C VAL A 890 4.33 -24.26 0.73
N ASN A 891 3.13 -24.71 0.34
CA ASN A 891 2.14 -23.78 -0.22
C ASN A 891 1.83 -22.65 0.74
N LEU A 892 1.61 -22.97 2.00
CA LEU A 892 1.24 -21.93 2.93
C LEU A 892 2.42 -21.07 3.32
N ILE A 893 3.65 -21.53 3.10
CA ILE A 893 4.77 -20.62 3.34
C ILE A 893 5.09 -19.78 2.12
N MET A 894 4.63 -20.16 0.92
CA MET A 894 5.01 -19.35 -0.22
C MET A 894 3.88 -18.50 -0.77
N ASP A 895 2.62 -18.75 -0.44
CA ASP A 895 1.60 -18.11 -1.25
C ASP A 895 0.81 -17.04 -0.51
N THR A 896 0.21 -17.38 0.62
CA THR A 896 -0.46 -16.30 1.32
C THR A 896 0.42 -15.65 2.37
N LEU A 897 1.12 -16.47 3.14
CA LEU A 897 1.88 -15.94 4.25
C LEU A 897 3.11 -15.20 3.77
N ALA A 898 3.67 -15.60 2.63
CA ALA A 898 4.81 -14.90 2.08
C ALA A 898 4.44 -13.53 1.57
N SER A 899 3.32 -13.43 0.86
CA SER A 899 2.89 -12.15 0.32
C SER A 899 2.59 -11.19 1.45
N LEU A 900 1.92 -11.67 2.49
CA LEU A 900 1.68 -10.85 3.66
C LEU A 900 2.97 -10.52 4.39
N ALA A 901 3.98 -11.37 4.25
CA ALA A 901 5.22 -11.14 4.96
C ALA A 901 6.03 -10.04 4.32
N LEU A 902 6.46 -10.24 3.09
CA LEU A 902 7.43 -9.32 2.50
C LEU A 902 6.82 -8.37 1.50
N ALA A 903 5.51 -8.41 1.29
CA ALA A 903 4.88 -7.38 0.48
C ALA A 903 4.62 -6.10 1.25
N THR A 904 4.71 -6.13 2.57
CA THR A 904 4.56 -4.93 3.39
C THR A 904 5.92 -4.38 3.67
N GLU A 905 6.31 -3.32 2.97
CA GLU A 905 7.62 -2.75 3.24
C GLU A 905 7.55 -1.24 3.32
N PRO A 906 8.13 -0.63 4.34
CA PRO A 906 8.28 0.81 4.34
C PRO A 906 9.25 1.21 3.23
N PRO A 907 9.07 2.37 2.66
CA PRO A 907 9.97 2.78 1.59
C PRO A 907 11.28 3.30 2.13
N THR A 908 12.17 3.68 1.23
CA THR A 908 13.45 4.24 1.61
C THR A 908 13.57 5.59 0.95
N GLU A 909 14.74 6.19 0.96
CA GLU A 909 15.04 7.26 0.02
C GLU A 909 15.91 6.78 -1.10
N SER A 910 16.17 5.48 -1.18
CA SER A 910 16.90 4.95 -2.32
C SER A 910 15.99 4.71 -3.52
N LEU A 911 14.69 4.91 -3.37
CA LEU A 911 13.76 4.78 -4.47
C LEU A 911 13.61 6.06 -5.26
N LEU A 912 14.45 7.04 -4.99
CA LEU A 912 14.41 8.31 -5.67
C LEU A 912 15.72 8.58 -6.39
N LEU A 913 16.45 7.52 -6.72
CA LEU A 913 17.72 7.70 -7.40
C LEU A 913 17.71 7.15 -8.81
N ARG A 914 16.60 6.63 -9.30
CA ARG A 914 16.56 5.99 -10.59
C ARG A 914 15.61 6.74 -11.51
N LYS A 915 15.84 6.60 -12.80
CA LYS A 915 14.94 7.18 -13.78
C LYS A 915 13.61 6.43 -13.69
N PRO A 916 12.49 7.10 -13.90
CA PRO A 916 11.21 6.44 -13.66
C PRO A 916 10.87 5.46 -14.76
N TYR A 917 10.10 4.45 -14.40
CA TYR A 917 9.80 3.35 -15.30
C TYR A 917 8.87 3.78 -16.41
N GLY A 918 8.99 3.09 -17.54
CA GLY A 918 8.05 3.24 -18.64
C GLY A 918 7.03 2.12 -18.60
N ARG A 919 5.80 2.38 -19.02
CA ARG A 919 4.73 1.41 -18.83
C ARG A 919 4.66 0.40 -19.97
N ASN A 920 5.83 -0.08 -20.39
CA ASN A 920 5.96 -1.29 -21.20
C ASN A 920 7.22 -2.06 -20.83
N LYS A 921 7.92 -1.64 -19.79
CA LYS A 921 9.17 -2.28 -19.42
C LYS A 921 8.87 -3.56 -18.65
N PRO A 922 9.64 -4.63 -18.89
CA PRO A 922 9.18 -5.97 -18.53
C PRO A 922 9.14 -6.21 -17.04
N LEU A 923 8.56 -7.32 -16.63
CA LEU A 923 8.22 -7.51 -15.24
C LEU A 923 9.27 -8.29 -14.50
N ILE A 924 10.03 -9.13 -15.18
CA ILE A 924 11.12 -9.88 -14.58
C ILE A 924 12.41 -9.36 -15.20
N SER A 925 13.13 -8.50 -14.49
CA SER A 925 14.30 -7.90 -15.11
C SER A 925 15.47 -8.87 -15.08
N ARG A 926 16.66 -8.34 -15.36
CA ARG A 926 17.81 -9.21 -15.51
C ARG A 926 18.33 -9.68 -14.16
N THR A 927 18.57 -8.75 -13.22
CA THR A 927 19.04 -9.10 -11.88
C THR A 927 18.05 -9.95 -11.11
N MET A 928 16.77 -9.65 -11.32
CA MET A 928 15.66 -10.54 -10.96
C MET A 928 15.96 -11.98 -11.36
N MET A 929 16.19 -12.22 -12.64
CA MET A 929 16.45 -13.55 -13.17
C MET A 929 17.75 -14.14 -12.63
N LYS A 930 18.75 -13.28 -12.37
CA LYS A 930 20.00 -13.76 -11.79
C LYS A 930 19.81 -14.32 -10.40
N ASN A 931 19.10 -13.59 -9.53
CA ASN A 931 18.78 -14.11 -8.20
C ASN A 931 17.95 -15.38 -8.27
N ILE A 932 16.97 -15.43 -9.17
CA ILE A 932 16.15 -16.62 -9.38
C ILE A 932 17.01 -17.83 -9.68
N LEU A 933 17.83 -17.74 -10.73
CA LEU A 933 18.52 -18.93 -11.19
C LEU A 933 19.66 -19.32 -10.26
N GLY A 934 20.28 -18.34 -9.60
CA GLY A 934 21.30 -18.63 -8.63
C GLY A 934 20.79 -19.40 -7.42
N HIS A 935 19.73 -18.88 -6.79
CA HIS A 935 19.19 -19.58 -5.65
C HIS A 935 18.57 -20.91 -6.03
N ALA A 936 18.03 -21.00 -7.24
CA ALA A 936 17.51 -22.27 -7.73
C ALA A 936 18.63 -23.30 -7.86
N PHE A 937 19.79 -22.88 -8.38
CA PHE A 937 20.91 -23.79 -8.54
C PHE A 937 21.45 -24.27 -7.20
N TYR A 938 21.56 -23.34 -6.24
CA TYR A 938 22.09 -23.75 -4.93
C TYR A 938 21.16 -24.71 -4.24
N GLN A 939 19.86 -24.47 -4.33
CA GLN A 939 18.96 -25.35 -3.61
C GLN A 939 18.82 -26.69 -4.30
N LEU A 940 18.97 -26.74 -5.63
CA LEU A 940 19.00 -28.04 -6.27
C LEU A 940 20.24 -28.84 -5.89
N VAL A 941 21.38 -28.19 -5.74
CA VAL A 941 22.59 -28.91 -5.34
C VAL A 941 22.48 -29.43 -3.90
N VAL A 942 22.00 -28.60 -2.98
CA VAL A 942 21.89 -29.07 -1.60
C VAL A 942 20.83 -30.15 -1.45
N VAL A 943 19.67 -29.99 -2.10
CA VAL A 943 18.62 -30.99 -1.96
C VAL A 943 19.02 -32.30 -2.62
N PHE A 944 19.71 -32.27 -3.76
CA PHE A 944 20.06 -33.56 -4.33
C PHE A 944 21.27 -34.21 -3.67
N THR A 945 22.16 -33.42 -3.07
CA THR A 945 23.20 -34.04 -2.26
C THR A 945 22.62 -34.69 -1.01
N LEU A 946 21.66 -34.04 -0.37
CA LEU A 946 21.04 -34.68 0.77
C LEU A 946 19.97 -35.67 0.38
N LEU A 947 19.67 -35.82 -0.90
CA LEU A 947 18.66 -36.78 -1.29
C LEU A 947 19.25 -38.03 -1.91
N PHE A 948 20.43 -37.94 -2.52
CA PHE A 948 21.05 -39.12 -3.10
C PHE A 948 22.24 -39.65 -2.34
N ALA A 949 22.86 -38.84 -1.49
CA ALA A 949 24.07 -39.29 -0.83
C ALA A 949 24.16 -38.91 0.63
N GLY A 950 23.05 -38.63 1.30
CA GLY A 950 23.11 -38.26 2.69
C GLY A 950 23.17 -39.45 3.61
N GLU A 951 23.23 -40.65 3.03
CA GLU A 951 23.19 -41.87 3.83
C GLU A 951 24.59 -42.41 4.05
N LYS A 952 25.44 -42.27 3.04
CA LYS A 952 26.85 -42.60 3.21
C LYS A 952 27.54 -41.40 3.82
N PHE A 953 26.89 -40.23 3.76
CA PHE A 953 27.20 -39.09 4.62
C PHE A 953 26.39 -39.33 5.89
N PHE A 954 26.51 -38.48 6.91
CA PHE A 954 26.62 -38.87 8.33
C PHE A 954 25.85 -40.11 8.79
N ASP A 955 24.52 -40.10 8.76
CA ASP A 955 23.62 -41.13 9.28
C ASP A 955 22.19 -40.75 8.91
N ILE A 956 21.29 -41.73 8.72
CA ILE A 956 21.48 -43.18 8.75
C ILE A 956 20.64 -43.65 7.57
N ASP A 957 20.31 -44.94 7.52
CA ASP A 957 19.84 -45.73 6.37
C ASP A 957 18.87 -45.08 5.40
N SER A 958 18.92 -45.54 4.15
CA SER A 958 18.25 -44.88 3.05
C SER A 958 16.74 -45.06 3.09
N GLY A 959 16.02 -43.93 3.16
CA GLY A 959 14.59 -44.01 3.05
C GLY A 959 14.12 -44.41 1.66
N ARG A 960 14.87 -44.02 0.64
CA ARG A 960 14.53 -44.44 -0.71
C ARG A 960 14.88 -45.91 -0.87
N ASN A 961 13.99 -46.69 -1.48
CA ASN A 961 12.59 -46.32 -1.63
C ASN A 961 11.83 -47.03 -0.56
N ALA A 962 10.55 -46.79 -0.48
CA ALA A 962 9.83 -47.29 0.69
C ALA A 962 8.50 -47.90 0.28
N PRO A 963 7.95 -48.83 1.05
CA PRO A 963 6.61 -49.30 0.76
C PRO A 963 5.55 -48.30 1.15
N LEU A 964 4.30 -48.71 1.03
CA LEU A 964 3.18 -47.79 1.19
C LEU A 964 2.85 -47.46 2.64
N HIS A 965 3.09 -48.37 3.57
CA HIS A 965 2.27 -48.48 4.77
C HIS A 965 2.20 -47.29 5.73
N ALA A 966 3.32 -46.69 6.17
CA ALA A 966 4.76 -46.93 5.99
C ALA A 966 5.38 -46.44 7.30
N PRO A 967 6.63 -46.77 7.60
CA PRO A 967 7.35 -46.01 8.59
C PRO A 967 7.59 -44.61 8.05
N PRO A 968 7.70 -43.59 8.93
CA PRO A 968 7.65 -42.21 8.44
C PRO A 968 8.77 -41.81 7.49
N SER A 969 9.99 -41.68 8.02
CA SER A 969 11.29 -41.68 7.36
C SER A 969 12.28 -41.39 8.46
N GLU A 970 13.55 -41.29 8.11
CA GLU A 970 14.42 -40.48 8.92
C GLU A 970 15.17 -39.52 8.04
N HIS A 971 15.58 -40.00 6.88
CA HIS A 971 16.38 -39.30 5.90
C HIS A 971 15.61 -38.21 5.17
N TYR A 972 14.39 -38.51 4.77
CA TYR A 972 13.54 -37.51 4.15
C TYR A 972 13.18 -36.39 5.11
N THR A 973 13.27 -36.60 6.42
CA THR A 973 13.15 -35.49 7.34
C THR A 973 14.30 -34.50 7.19
N ILE A 974 15.51 -34.97 6.93
CA ILE A 974 16.60 -34.00 6.72
C ILE A 974 16.42 -33.30 5.39
N VAL A 975 15.89 -34.00 4.38
CA VAL A 975 15.59 -33.31 3.11
C VAL A 975 14.55 -32.23 3.31
N PHE A 976 13.45 -32.57 3.96
CA PHE A 976 12.37 -31.61 4.20
C PHE A 976 12.79 -30.47 5.11
N ASN A 977 13.62 -30.72 6.11
CA ASN A 977 13.98 -29.64 6.99
C ASN A 977 14.98 -28.72 6.34
N THR A 978 15.94 -29.26 5.57
CA THR A 978 16.86 -28.38 4.86
C THR A 978 16.14 -27.58 3.79
N PHE A 979 15.12 -28.17 3.16
CA PHE A 979 14.35 -27.43 2.18
C PHE A 979 13.56 -26.28 2.81
N VAL A 980 12.87 -26.53 3.92
CA VAL A 980 12.03 -25.48 4.48
C VAL A 980 12.86 -24.40 5.16
N LEU A 981 13.87 -24.77 5.95
CA LEU A 981 14.74 -23.74 6.51
C LEU A 981 15.56 -23.02 5.46
N MET A 982 15.81 -23.66 4.32
CA MET A 982 16.53 -22.94 3.29
C MET A 982 15.62 -21.93 2.61
N GLN A 983 14.33 -22.23 2.48
CA GLN A 983 13.42 -21.20 1.96
C GLN A 983 13.24 -20.07 2.97
N LEU A 984 13.23 -20.39 4.26
CA LEU A 984 13.06 -19.35 5.27
C LEU A 984 14.24 -18.43 5.33
N PHE A 985 15.45 -18.95 5.17
CA PHE A 985 16.56 -18.00 5.12
C PHE A 985 16.69 -17.36 3.74
N ASN A 986 16.04 -17.92 2.72
CA ASN A 986 15.94 -17.17 1.47
C ASN A 986 15.03 -15.97 1.62
N GLU A 987 13.99 -16.10 2.44
CA GLU A 987 12.97 -15.06 2.61
C GLU A 987 13.52 -13.78 3.21
N ILE A 988 14.74 -13.77 3.75
CA ILE A 988 15.45 -12.53 3.96
C ILE A 988 16.23 -12.11 2.73
N ASN A 989 16.87 -13.04 2.02
CA ASN A 989 17.68 -12.69 0.86
C ASN A 989 16.86 -12.23 -0.33
N ALA A 990 15.54 -12.37 -0.32
CA ALA A 990 14.76 -11.83 -1.42
C ALA A 990 14.20 -10.47 -1.09
N ARG A 991 14.78 -9.80 -0.13
CA ARG A 991 14.32 -8.47 0.22
C ARG A 991 15.11 -7.40 -0.51
N LYS A 992 16.08 -7.80 -1.31
CA LYS A 992 16.86 -6.84 -2.08
C LYS A 992 16.83 -7.20 -3.55
N ILE A 993 16.23 -6.33 -4.34
CA ILE A 993 16.44 -6.29 -5.77
C ILE A 993 17.31 -5.07 -6.00
N HIS A 994 17.75 -4.89 -7.24
CA HIS A 994 18.44 -3.70 -7.71
C HIS A 994 19.75 -3.53 -6.94
N GLY A 995 20.45 -4.63 -6.72
CA GLY A 995 21.71 -4.61 -6.03
C GLY A 995 21.56 -5.06 -4.59
N GLU A 996 22.70 -5.37 -3.99
CA GLU A 996 22.83 -5.91 -2.64
C GLU A 996 23.95 -5.07 -1.99
N ARG A 997 24.30 -5.21 -0.69
CA ARG A 997 24.17 -6.32 0.24
C ARG A 997 24.09 -5.90 1.70
N ASN A 998 22.88 -5.75 2.20
CA ASN A 998 22.63 -5.54 3.62
C ASN A 998 21.41 -6.35 3.99
N VAL A 999 21.64 -7.63 4.26
CA VAL A 999 20.64 -8.55 4.72
C VAL A 999 21.35 -9.43 5.74
N PHE A 1000 21.04 -9.29 7.01
CA PHE A 1000 19.96 -8.52 7.56
C PHE A 1000 20.26 -7.03 7.85
N GLU A 1001 19.73 -6.11 7.02
CA GLU A 1001 19.70 -4.67 7.36
C GLU A 1001 18.76 -3.82 6.50
N GLY A 1002 17.79 -3.15 7.12
CA GLY A 1002 17.46 -3.32 8.51
C GLY A 1002 16.05 -3.81 8.64
N ILE A 1003 15.91 -5.08 9.03
CA ILE A 1003 14.58 -5.63 9.22
C ILE A 1003 14.12 -5.41 10.64
N PHE A 1004 13.82 -4.17 10.98
CA PHE A 1004 13.14 -3.86 12.22
C PHE A 1004 12.14 -2.73 12.07
N ASN A 1005 12.03 -2.15 10.88
CA ASN A 1005 10.87 -1.31 10.60
C ASN A 1005 9.62 -2.14 10.46
N ASN A 1006 9.71 -3.33 9.88
CA ASN A 1006 8.58 -4.23 9.82
C ASN A 1006 8.31 -4.81 11.18
N ALA A 1007 7.04 -4.81 11.58
CA ALA A 1007 6.63 -5.75 12.60
C ALA A 1007 6.21 -7.06 11.98
N ILE A 1008 5.62 -7.01 10.79
CA ILE A 1008 4.98 -8.16 10.20
C ILE A 1008 6.00 -9.18 9.73
N PHE A 1009 7.04 -8.73 9.03
CA PHE A 1009 8.08 -9.64 8.56
C PHE A 1009 8.79 -10.31 9.72
N CYS A 1010 9.11 -9.52 10.73
CA CYS A 1010 9.85 -10.07 11.83
C CYS A 1010 8.98 -10.94 12.71
N THR A 1011 7.65 -10.82 12.64
CA THR A 1011 6.89 -11.84 13.34
C THR A 1011 6.62 -13.05 12.47
N ILE A 1012 6.50 -12.91 11.15
CA ILE A 1012 6.18 -14.07 10.33
C ILE A 1012 7.36 -15.00 10.14
N VAL A 1013 8.57 -14.49 9.96
CA VAL A 1013 9.70 -15.38 9.75
C VAL A 1013 10.04 -16.17 11.01
N LEU A 1014 10.17 -15.50 12.14
CA LEU A 1014 10.44 -16.21 13.38
C LEU A 1014 9.25 -17.04 13.84
N GLY A 1015 8.03 -16.65 13.50
CA GLY A 1015 6.89 -17.49 13.83
C GLY A 1015 6.87 -18.76 13.01
N THR A 1016 7.26 -18.66 11.74
CA THR A 1016 7.29 -19.86 10.91
C THR A 1016 8.43 -20.76 11.32
N PHE A 1017 9.53 -20.17 11.77
CA PHE A 1017 10.63 -20.93 12.33
C PHE A 1017 10.20 -21.75 13.54
N VAL A 1018 9.54 -21.10 14.50
CA VAL A 1018 9.08 -21.79 15.71
C VAL A 1018 7.99 -22.81 15.39
N VAL A 1019 7.12 -22.53 14.42
CA VAL A 1019 6.13 -23.52 14.03
C VAL A 1019 6.79 -24.72 13.39
N GLN A 1020 7.88 -24.53 12.66
CA GLN A 1020 8.50 -25.72 12.12
C GLN A 1020 9.30 -26.49 13.17
N ILE A 1021 9.88 -25.77 14.14
CA ILE A 1021 10.47 -26.42 15.32
C ILE A 1021 9.46 -27.34 15.98
N ILE A 1022 8.22 -26.88 16.17
CA ILE A 1022 7.18 -27.76 16.66
C ILE A 1022 6.82 -28.89 15.70
N ILE A 1023 6.70 -28.62 14.40
CA ILE A 1023 6.23 -29.65 13.46
C ILE A 1023 7.26 -30.76 13.30
N VAL A 1024 8.54 -30.46 13.47
CA VAL A 1024 9.50 -31.52 13.22
C VAL A 1024 9.57 -32.53 14.37
N GLN A 1025 9.69 -32.07 15.62
CA GLN A 1025 9.67 -33.00 16.74
C GLN A 1025 8.31 -33.60 17.05
N PHE A 1026 7.22 -33.02 16.55
CA PHE A 1026 5.93 -33.43 17.06
C PHE A 1026 4.99 -33.68 15.90
N GLY A 1027 4.09 -34.62 16.08
CA GLY A 1027 3.19 -34.98 15.01
C GLY A 1027 3.91 -35.63 13.86
N GLY A 1028 4.79 -36.58 14.16
CA GLY A 1028 5.65 -37.18 13.17
C GLY A 1028 4.93 -38.02 12.15
N LYS A 1029 4.39 -39.15 12.59
CA LYS A 1029 3.62 -40.03 11.72
C LYS A 1029 2.44 -39.37 10.99
N PRO A 1030 1.72 -38.36 11.54
CA PRO A 1030 0.80 -37.64 10.66
C PRO A 1030 1.53 -36.81 9.62
N PHE A 1031 2.45 -35.96 10.03
CA PHE A 1031 2.99 -35.03 9.05
C PHE A 1031 4.25 -35.55 8.40
N SER A 1032 4.40 -36.85 8.29
CA SER A 1032 5.42 -37.55 7.50
C SER A 1032 6.86 -37.23 7.88
N CYS A 1033 7.10 -36.60 9.02
CA CYS A 1033 8.42 -36.44 9.57
C CYS A 1033 8.62 -37.45 10.69
N SER A 1034 9.76 -37.33 11.38
CA SER A 1034 10.02 -38.21 12.51
C SER A 1034 10.78 -37.42 13.56
N GLU A 1035 11.07 -38.09 14.67
CA GLU A 1035 11.67 -37.43 15.82
C GLU A 1035 13.11 -37.10 15.48
N LEU A 1036 13.30 -35.94 14.88
CA LEU A 1036 14.62 -35.47 14.51
C LEU A 1036 15.31 -34.90 15.73
N SER A 1037 16.61 -35.12 15.80
CA SER A 1037 17.40 -34.57 16.89
C SER A 1037 18.64 -33.88 16.37
N ILE A 1038 19.16 -32.97 17.19
CA ILE A 1038 20.55 -32.58 17.06
C ILE A 1038 21.40 -33.84 17.14
N GLU A 1039 22.41 -33.94 16.28
CA GLU A 1039 23.10 -32.88 15.57
C GLU A 1039 22.49 -32.39 14.24
N GLN A 1040 21.51 -33.15 13.76
CA GLN A 1040 21.00 -33.00 12.40
C GLN A 1040 20.31 -31.65 12.19
N TRP A 1041 19.69 -31.11 13.25
CA TRP A 1041 19.24 -29.72 13.23
C TRP A 1041 20.38 -28.77 12.96
N LEU A 1042 21.54 -29.03 13.52
CA LEU A 1042 22.56 -28.01 13.44
C LEU A 1042 23.23 -28.05 12.07
N TRP A 1043 23.30 -29.20 11.42
CA TRP A 1043 23.74 -29.21 10.03
C TRP A 1043 22.73 -28.53 9.11
N SER A 1044 21.43 -28.71 9.38
CA SER A 1044 20.43 -28.09 8.51
C SER A 1044 20.43 -26.58 8.65
N ILE A 1045 20.58 -26.08 9.88
CA ILE A 1045 20.72 -24.64 10.07
C ILE A 1045 22.02 -24.13 9.47
N PHE A 1046 23.05 -24.98 9.44
CA PHE A 1046 24.26 -24.59 8.73
C PHE A 1046 24.03 -24.44 7.24
N LEU A 1047 23.25 -25.30 6.63
CA LEU A 1047 23.01 -25.12 5.22
C LEU A 1047 22.06 -23.97 4.92
N GLY A 1048 21.18 -23.64 5.86
CA GLY A 1048 20.37 -22.44 5.69
C GLY A 1048 21.21 -21.17 5.69
N MET A 1049 22.13 -21.07 6.65
CA MET A 1049 23.05 -19.95 6.57
C MET A 1049 23.95 -20.05 5.35
N GLY A 1050 24.16 -21.26 4.83
CA GLY A 1050 24.81 -21.43 3.55
C GLY A 1050 24.11 -20.71 2.41
N THR A 1051 22.79 -20.79 2.34
CA THR A 1051 22.15 -20.03 1.26
C THR A 1051 22.16 -18.54 1.55
N LEU A 1052 22.19 -18.18 2.84
CA LEU A 1052 22.31 -16.76 3.19
C LEU A 1052 23.65 -16.19 2.73
N LEU A 1053 24.65 -17.04 2.63
CA LEU A 1053 25.95 -16.59 2.17
C LEU A 1053 26.09 -16.67 0.65
N TRP A 1054 25.52 -17.72 0.04
CA TRP A 1054 25.72 -17.89 -1.39
C TRP A 1054 24.97 -16.85 -2.19
N GLY A 1055 23.78 -16.47 -1.73
CA GLY A 1055 23.07 -15.39 -2.40
C GLY A 1055 23.80 -14.07 -2.31
N GLN A 1056 24.51 -13.86 -1.20
CA GLN A 1056 25.36 -12.69 -1.10
C GLN A 1056 26.55 -12.79 -2.04
N LEU A 1057 26.99 -14.01 -2.36
CA LEU A 1057 28.00 -14.13 -3.40
C LEU A 1057 27.43 -13.82 -4.78
N ILE A 1058 26.13 -13.99 -4.98
CA ILE A 1058 25.56 -13.65 -6.29
C ILE A 1058 25.47 -12.15 -6.51
N SER A 1059 25.71 -11.34 -5.47
CA SER A 1059 25.77 -9.89 -5.65
C SER A 1059 26.90 -9.47 -6.59
N THR A 1060 27.93 -10.29 -6.71
CA THR A 1060 29.00 -10.04 -7.66
C THR A 1060 28.61 -10.59 -9.01
N ILE A 1061 29.62 -10.72 -9.88
CA ILE A 1061 29.59 -11.19 -11.27
C ILE A 1061 28.43 -10.61 -12.08
N PRO A 1062 28.50 -9.34 -12.44
CA PRO A 1062 27.38 -8.72 -13.15
C PRO A 1062 27.49 -8.88 -14.65
N THR A 1063 26.55 -8.27 -15.38
CA THR A 1063 26.64 -8.14 -16.82
C THR A 1063 26.44 -6.69 -17.22
N ALA B 120 8.64 -76.78 13.51
CA ALA B 120 8.85 -76.14 12.22
C ALA B 120 10.09 -75.26 12.25
N ALA B 121 10.29 -74.51 11.17
CA ALA B 121 11.47 -73.67 11.06
C ALA B 121 11.33 -72.42 11.92
N PRO B 122 12.43 -71.93 12.49
CA PRO B 122 12.37 -70.66 13.23
C PRO B 122 12.13 -69.48 12.32
N ASP B 123 11.54 -68.43 12.90
CA ASP B 123 11.16 -67.24 12.15
C ASP B 123 11.15 -66.06 13.12
N ILE B 124 12.07 -65.13 12.94
CA ILE B 124 12.21 -63.98 13.82
C ILE B 124 11.19 -62.93 13.38
N THR B 125 10.47 -62.33 14.35
CA THR B 125 9.37 -61.42 14.04
C THR B 125 9.72 -59.95 14.23
N GLY B 126 10.28 -59.55 15.38
CA GLY B 126 10.47 -58.14 15.66
C GLY B 126 11.85 -57.80 16.16
N HIS B 127 12.51 -56.86 15.50
CA HIS B 127 13.89 -56.51 15.80
C HIS B 127 14.18 -55.12 15.22
N LYS B 128 15.33 -54.58 15.61
CA LYS B 128 15.78 -53.29 15.09
C LYS B 128 16.69 -53.50 13.88
N ARG B 129 16.45 -52.72 12.83
CA ARG B 129 17.36 -52.71 11.69
C ARG B 129 18.55 -51.80 11.95
N SER B 130 18.46 -50.96 12.97
CA SER B 130 19.52 -50.01 13.27
C SER B 130 19.41 -49.65 14.74
N GLU B 131 20.50 -49.09 15.27
CA GLU B 131 20.47 -48.49 16.58
C GLU B 131 21.58 -47.46 16.70
N ASN B 132 21.20 -46.22 17.00
CA ASN B 132 22.15 -45.16 17.28
C ASN B 132 22.12 -44.92 18.78
N LYS B 133 23.27 -45.04 19.42
CA LYS B 133 23.42 -44.61 20.80
C LYS B 133 24.67 -43.74 20.91
N ASN B 134 24.97 -43.33 22.13
CA ASN B 134 26.10 -42.45 22.36
C ASN B 134 26.94 -43.02 23.49
N GLU B 135 27.85 -42.19 24.01
CA GLU B 135 28.81 -42.67 24.98
C GLU B 135 28.15 -43.03 26.31
N GLY B 136 28.45 -44.23 26.79
CA GLY B 136 28.08 -44.65 28.11
C GLY B 136 26.70 -45.25 28.25
N GLN B 137 25.86 -45.14 27.23
CA GLN B 137 24.52 -45.68 27.32
C GLN B 137 24.52 -47.19 27.15
N ASP B 138 23.33 -47.78 27.16
CA ASP B 138 23.16 -49.23 27.14
C ASP B 138 22.41 -49.61 25.88
N ALA B 139 23.10 -50.29 24.97
CA ALA B 139 22.51 -50.68 23.70
C ALA B 139 21.68 -51.95 23.86
N THR B 140 20.37 -51.83 23.64
CA THR B 140 19.44 -52.92 23.87
C THR B 140 19.02 -53.50 22.53
N MET B 141 19.56 -54.68 22.22
CA MET B 141 19.26 -55.36 20.97
C MET B 141 18.50 -56.65 21.27
N TYR B 142 17.54 -56.98 20.42
CA TYR B 142 16.60 -58.04 20.72
C TYR B 142 16.15 -58.72 19.44
N CYS B 143 15.64 -59.94 19.60
CA CYS B 143 15.02 -60.69 18.51
C CYS B 143 13.86 -61.48 19.10
N LYS B 144 12.73 -61.50 18.39
CA LYS B 144 11.56 -62.24 18.81
C LYS B 144 11.23 -63.30 17.76
N SER B 145 11.25 -64.57 18.16
CA SER B 145 11.06 -65.66 17.21
C SER B 145 9.76 -66.42 17.51
N VAL B 146 9.25 -67.07 16.46
CA VAL B 146 8.10 -67.96 16.55
C VAL B 146 8.46 -69.28 15.88
N GLY B 147 7.61 -70.28 16.07
CA GLY B 147 7.84 -71.61 15.55
C GLY B 147 7.90 -72.59 16.71
N TYR B 148 7.90 -73.88 16.38
CA TYR B 148 7.99 -74.91 17.40
C TYR B 148 9.04 -75.94 17.00
N PRO B 149 9.92 -76.36 17.93
CA PRO B 149 10.09 -75.98 19.35
C PRO B 149 10.70 -74.59 19.53
N HIS B 150 10.79 -74.14 20.78
CA HIS B 150 11.39 -72.83 21.02
C HIS B 150 12.90 -72.91 20.77
N PRO B 151 13.44 -72.07 19.89
CA PRO B 151 14.83 -72.23 19.46
C PRO B 151 15.82 -71.66 20.46
N ASP B 152 17.06 -72.15 20.35
CA ASP B 152 18.16 -71.67 21.15
C ASP B 152 18.77 -70.42 20.52
N TRP B 153 19.22 -69.51 21.36
CA TRP B 153 19.68 -68.21 20.92
C TRP B 153 21.21 -68.13 20.93
N ILE B 154 21.76 -67.72 19.80
CA ILE B 154 23.19 -67.45 19.67
C ILE B 154 23.35 -66.05 19.10
N TRP B 155 24.06 -65.19 19.81
CA TRP B 155 24.41 -63.87 19.33
C TRP B 155 25.78 -63.91 18.67
N ARG B 156 25.87 -63.32 17.47
CA ARG B 156 27.11 -63.28 16.73
C ARG B 156 27.48 -61.84 16.41
N LYS B 157 28.63 -61.67 15.77
CA LYS B 157 29.08 -60.37 15.31
C LYS B 157 29.75 -60.53 13.95
N LYS B 158 29.44 -59.63 13.03
CA LYS B 158 29.93 -59.72 11.66
C LYS B 158 31.28 -59.02 11.56
N GLU B 159 32.32 -59.77 11.20
CA GLU B 159 33.68 -59.25 11.09
C GLU B 159 34.30 -59.75 9.80
N ASN B 160 34.60 -58.81 8.89
CA ASN B 160 35.35 -59.04 7.66
C ASN B 160 34.73 -60.10 6.77
N GLY B 161 33.41 -60.12 6.69
CA GLY B 161 32.74 -61.10 5.86
C GLY B 161 32.53 -62.44 6.50
N MET B 162 32.79 -62.58 7.80
CA MET B 162 32.57 -63.83 8.50
C MET B 162 31.87 -63.60 9.82
N PRO B 163 30.94 -64.49 10.20
CA PRO B 163 30.32 -64.38 11.53
C PRO B 163 31.29 -64.76 12.63
N MET B 164 31.38 -63.94 13.67
CA MET B 164 32.24 -64.25 14.79
C MET B 164 31.44 -64.32 16.09
N ASP B 165 32.00 -65.02 17.07
CA ASP B 165 31.36 -65.12 18.38
C ASP B 165 31.64 -63.86 19.19
N ILE B 166 30.90 -63.70 20.28
CA ILE B 166 31.10 -62.58 21.18
C ILE B 166 32.02 -62.99 22.32
N VAL B 167 33.15 -62.30 22.43
CA VAL B 167 34.14 -62.59 23.46
C VAL B 167 33.95 -61.60 24.60
N ASN B 168 33.93 -62.10 25.83
CA ASN B 168 33.51 -61.34 27.00
C ASN B 168 34.71 -60.76 27.74
N THR B 169 35.75 -60.34 27.01
CA THR B 169 36.91 -59.74 27.67
C THR B 169 36.64 -58.31 28.07
N SER B 170 35.63 -57.67 27.48
CA SER B 170 35.26 -56.33 27.91
C SER B 170 34.43 -56.36 29.19
N GLY B 171 33.81 -57.49 29.50
CA GLY B 171 32.95 -57.57 30.67
C GLY B 171 31.66 -56.80 30.53
N ARG B 172 31.27 -56.45 29.31
CA ARG B 172 30.17 -55.53 29.07
C ARG B 172 29.00 -56.17 28.34
N PHE B 173 29.07 -57.48 28.08
CA PHE B 173 28.04 -58.19 27.33
C PHE B 173 27.16 -58.94 28.32
N PHE B 174 25.84 -58.83 28.14
CA PHE B 174 24.88 -59.45 29.03
C PHE B 174 23.73 -60.03 28.22
N ILE B 175 23.69 -61.35 28.10
CA ILE B 175 22.71 -62.05 27.28
C ILE B 175 21.71 -62.75 28.19
N ILE B 176 20.44 -62.41 28.05
CA ILE B 176 19.34 -63.09 28.73
C ILE B 176 18.49 -63.76 27.67
N ASN B 177 18.46 -65.09 27.68
CA ASN B 177 17.73 -65.86 26.68
C ASN B 177 16.56 -66.57 27.34
N LYS B 178 15.37 -66.33 26.84
CA LYS B 178 14.17 -67.09 27.19
C LYS B 178 13.81 -67.99 26.02
N GLU B 179 12.59 -68.56 26.09
CA GLU B 179 12.16 -69.55 25.10
C GLU B 179 12.10 -68.96 23.69
N ASN B 180 11.36 -67.87 23.52
CA ASN B 180 11.22 -67.24 22.22
C ASN B 180 11.58 -65.75 22.25
N TYR B 181 12.43 -65.34 23.19
CA TYR B 181 12.83 -63.95 23.30
C TYR B 181 14.26 -63.88 23.80
N THR B 182 15.02 -62.94 23.24
CA THR B 182 16.40 -62.69 23.62
C THR B 182 16.62 -61.19 23.79
N GLU B 183 17.69 -60.84 24.49
CA GLU B 183 18.06 -59.44 24.66
C GLU B 183 19.55 -59.32 24.97
N LEU B 184 20.30 -58.72 24.05
CA LEU B 184 21.69 -58.36 24.25
C LEU B 184 21.76 -56.92 24.72
N ASN B 185 22.46 -56.70 25.82
CA ASN B 185 22.60 -55.38 26.41
C ASN B 185 24.08 -55.08 26.64
N ILE B 186 24.63 -54.19 25.80
CA ILE B 186 26.04 -53.86 25.85
C ILE B 186 26.18 -52.55 26.59
N VAL B 187 26.60 -52.62 27.85
CA VAL B 187 26.78 -51.44 28.67
C VAL B 187 28.14 -50.84 28.35
N ASN B 188 28.28 -49.54 28.61
CA ASN B 188 29.52 -48.75 28.50
C ASN B 188 30.10 -48.83 27.08
N LEU B 189 29.35 -48.28 26.13
CA LEU B 189 29.77 -48.24 24.74
C LEU B 189 30.95 -47.29 24.57
N GLN B 190 31.83 -47.61 23.61
CA GLN B 190 32.94 -46.75 23.22
C GLN B 190 32.99 -46.74 21.70
N ILE B 191 33.59 -45.69 21.13
CA ILE B 191 33.53 -45.52 19.68
C ILE B 191 34.43 -46.51 18.94
N THR B 192 35.52 -46.96 19.55
CA THR B 192 36.57 -47.63 18.78
C THR B 192 36.24 -49.08 18.48
N GLU B 193 35.52 -49.76 19.38
CA GLU B 193 35.31 -51.19 19.26
C GLU B 193 33.85 -51.57 19.01
N ASP B 194 32.94 -51.05 19.81
CA ASP B 194 31.54 -51.48 19.88
C ASP B 194 30.66 -51.23 18.65
N PRO B 195 30.81 -50.16 17.85
CA PRO B 195 30.02 -50.09 16.61
C PRO B 195 30.42 -51.16 15.60
N GLY B 196 29.47 -51.54 14.77
CA GLY B 196 29.66 -52.55 13.76
C GLY B 196 28.34 -53.17 13.37
N GLU B 197 28.36 -54.48 13.19
CA GLU B 197 27.20 -55.26 12.79
C GLU B 197 27.01 -56.43 13.73
N TYR B 198 25.79 -56.63 14.20
CA TYR B 198 25.45 -57.72 15.10
C TYR B 198 24.32 -58.55 14.51
N GLU B 199 24.19 -59.79 14.97
CA GLU B 199 23.11 -60.66 14.54
C GLU B 199 22.82 -61.70 15.61
N CYS B 200 21.59 -62.19 15.61
CA CYS B 200 21.14 -63.24 16.52
C CYS B 200 20.85 -64.50 15.72
N ASN B 201 20.95 -65.66 16.36
CA ASN B 201 20.73 -66.94 15.70
C ASN B 201 19.76 -67.75 16.54
N ALA B 202 18.52 -67.86 16.08
CA ALA B 202 17.48 -68.65 16.74
C ALA B 202 17.49 -70.06 16.16
N THR B 203 18.06 -71.00 16.90
CA THR B 203 18.36 -72.33 16.39
C THR B 203 17.63 -73.41 17.19
N ASN B 204 16.87 -74.26 16.50
CA ASN B 204 16.24 -75.42 17.11
C ASN B 204 16.67 -76.68 16.36
N ALA B 205 15.99 -77.79 16.66
CA ALA B 205 16.28 -79.06 16.00
C ALA B 205 15.88 -79.09 14.53
N ILE B 206 14.96 -78.20 14.11
CA ILE B 206 14.54 -78.17 12.73
C ILE B 206 15.46 -77.31 11.87
N GLY B 207 15.87 -76.16 12.36
CA GLY B 207 16.78 -75.32 11.59
C GLY B 207 17.22 -74.13 12.41
N SER B 208 17.54 -73.04 11.70
CA SER B 208 18.00 -71.81 12.32
CA SER B 208 17.97 -71.81 12.34
C SER B 208 17.39 -70.62 11.60
N ALA B 209 17.50 -69.45 12.22
CA ALA B 209 17.04 -68.20 11.65
C ALA B 209 17.98 -67.09 12.10
N SER B 210 18.01 -66.00 11.34
CA SER B 210 18.90 -64.89 11.64
C SER B 210 18.36 -63.61 11.04
N VAL B 211 18.44 -62.54 11.85
CA VAL B 211 18.24 -61.17 11.38
C VAL B 211 19.45 -60.35 11.79
N VAL B 212 19.54 -59.14 11.24
CA VAL B 212 20.72 -58.30 11.44
C VAL B 212 20.31 -57.01 12.12
N THR B 213 20.95 -56.74 13.27
CA THR B 213 20.75 -55.50 14.01
C THR B 213 22.08 -54.75 14.03
N VAL B 214 22.06 -53.51 13.54
CA VAL B 214 23.28 -52.76 13.30
C VAL B 214 23.38 -51.64 14.32
N LEU B 215 24.58 -51.44 14.87
CA LEU B 215 24.84 -50.42 15.88
C LEU B 215 25.79 -49.38 15.31
N ARG B 216 25.58 -48.12 15.66
CA ARG B 216 26.52 -47.06 15.37
C ARG B 216 26.46 -45.99 16.44
N VAL B 217 27.63 -45.53 16.91
CA VAL B 217 27.75 -44.58 18.00
C VAL B 217 28.30 -43.28 17.45
N ARG B 218 27.81 -42.15 17.97
CA ARG B 218 27.98 -40.83 17.38
C ARG B 218 28.99 -39.93 18.10
N SER B 219 29.84 -40.52 18.94
CA SER B 219 30.53 -39.80 20.02
C SER B 219 31.75 -38.99 19.59
N HIS B 220 32.63 -38.74 20.58
CA HIS B 220 34.04 -38.36 20.51
C HIS B 220 34.24 -36.86 20.32
N LEU B 221 33.16 -36.14 20.06
CA LEU B 221 33.12 -34.70 20.25
C LEU B 221 31.92 -34.22 21.07
N ALA B 222 30.69 -34.75 20.91
CA ALA B 222 30.10 -35.45 19.75
C ALA B 222 29.58 -34.53 18.60
N PRO B 223 28.72 -33.51 18.85
CA PRO B 223 28.09 -32.84 17.72
C PRO B 223 28.80 -31.56 17.29
N LEU B 224 29.98 -31.32 17.82
CA LEU B 224 30.44 -29.96 18.01
C LEU B 224 30.90 -29.26 16.72
N TRP B 225 31.33 -29.98 15.69
CA TRP B 225 31.98 -29.38 14.51
C TRP B 225 31.12 -28.36 13.75
N PRO B 226 29.82 -28.60 13.46
CA PRO B 226 29.10 -27.53 12.77
C PRO B 226 28.68 -26.38 13.66
N PHE B 227 28.81 -26.48 14.97
CA PHE B 227 28.54 -25.29 15.78
C PHE B 227 29.62 -24.25 15.52
N LEU B 228 30.86 -24.70 15.49
CA LEU B 228 31.96 -23.89 15.01
C LEU B 228 31.76 -23.47 13.57
N GLY B 229 31.16 -24.33 12.75
CA GLY B 229 30.84 -23.93 11.39
C GLY B 229 29.88 -22.75 11.32
N ILE B 230 28.81 -22.80 12.12
CA ILE B 230 27.87 -21.69 12.28
C ILE B 230 28.58 -20.43 12.67
N LEU B 231 29.41 -20.48 13.71
CA LEU B 231 30.07 -19.27 14.18
C LEU B 231 31.05 -18.71 13.15
N ALA B 232 31.74 -19.59 12.44
CA ALA B 232 32.65 -19.15 11.38
C ALA B 232 31.89 -18.45 10.26
N GLU B 233 30.74 -18.99 9.88
CA GLU B 233 30.03 -18.41 8.77
C GLU B 233 29.38 -17.09 9.15
N ILE B 234 28.88 -16.99 10.39
CA ILE B 234 28.44 -15.71 10.93
C ILE B 234 29.54 -14.67 10.82
N ILE B 235 30.75 -15.04 11.24
CA ILE B 235 31.86 -14.10 11.19
C ILE B 235 32.22 -13.72 9.77
N ILE B 236 32.13 -14.63 8.80
CA ILE B 236 32.41 -14.27 7.41
C ILE B 236 31.42 -13.23 6.89
N LEU B 237 30.12 -13.47 7.06
CA LEU B 237 29.15 -12.54 6.51
C LEU B 237 29.15 -11.21 7.23
N VAL B 238 29.43 -11.21 8.54
CA VAL B 238 29.51 -9.95 9.25
C VAL B 238 30.74 -9.16 8.81
N VAL B 239 31.86 -9.84 8.53
CA VAL B 239 33.03 -9.14 8.02
C VAL B 239 32.77 -8.53 6.66
N ILE B 240 32.00 -9.23 5.81
CA ILE B 240 31.72 -8.68 4.48
C ILE B 240 30.84 -7.44 4.58
N ILE B 241 29.85 -7.47 5.47
CA ILE B 241 28.99 -6.29 5.67
C ILE B 241 29.80 -5.14 6.25
N VAL B 242 30.76 -5.43 7.12
CA VAL B 242 31.65 -4.39 7.65
C VAL B 242 32.52 -3.78 6.56
N VAL B 243 33.04 -4.61 5.66
CA VAL B 243 33.93 -4.12 4.62
C VAL B 243 33.17 -3.26 3.61
N TYR B 244 31.96 -3.66 3.23
CA TYR B 244 31.28 -2.91 2.16
C TYR B 244 30.76 -1.55 2.62
N GLU B 245 30.39 -1.42 3.89
CA GLU B 245 29.79 -0.19 4.39
C GLU B 245 30.82 0.79 4.92
N LYS B 246 32.04 0.76 4.41
CA LYS B 246 33.05 1.70 4.84
C LYS B 246 33.97 2.09 3.70
C1 NAG C . 30.24 -61.57 30.78
C2 NAG C . 28.89 -62.29 30.85
C3 NAG C . 28.03 -61.68 31.95
C4 NAG C . 28.78 -61.70 33.28
C5 NAG C . 30.12 -61.00 33.14
C6 NAG C . 30.98 -61.07 34.39
C7 NAG C . 28.30 -63.20 28.65
C8 NAG C . 27.54 -62.98 27.38
N2 NAG C . 28.21 -62.23 29.57
O3 NAG C . 26.81 -62.41 32.06
O4 NAG C . 28.00 -61.04 34.28
O5 NAG C . 30.89 -61.62 32.08
O6 NAG C . 30.53 -62.10 35.25
O7 NAG C . 28.99 -64.20 28.82
#